data_1J37
#
_entry.id   1J37
#
_cell.length_a   94.912
_cell.length_b   121.223
_cell.length_c   94.740
_cell.angle_alpha   90.00
_cell.angle_beta   99.39
_cell.angle_gamma   90.00
#
_symmetry.space_group_name_H-M   'P 1 21 1'
#
loop_
_entity.id
_entity.type
_entity.pdbx_description
1 polymer 'angiotensin converting enzyme'
2 non-polymer 'ZINC ION'
3 non-polymer L-CAPTOPRIL
#
_entity_poly.entity_id   1
_entity_poly.type   'polypeptide(L)'
_entity_poly.pdbx_seq_one_letter_code
;VTQALVKEEIQAKEYLENLNKELAKRTNVETEAAWAYRSAITDENEKKKNEISAELAKFMKEVASDTTKFQWRSYQSEDL
KRQFKALTKLGYAALPEDDYAELLDTLSAMESNFAKVKVCDYKDSTKCDLALDPEIEEVISKSRDHEELAYYWREFYDKA
GTAVRSQFERYVELNTKAAKLNNFTSGAEAWLDEYEDDTFEQQLEDIFADIRPLYQQIHGYVRFRLRKHYGDAVVSETGP
IPMHLLGNMWAQQWSEIADIVSPFPEKPLVDVSAEMEKQAYTPLKMFQMGDDFFTSMNLTKLPQDFWDKSIIEKPTDGRD
LVCHASAWDFYLIDDVRIKQCTRVTQDQLFTVHHELGHIQYFLQYQHQPFVYRTGANPGFHEAVGDVLSLSVSTPKHLEK
IGLLKDYVRDDEARINQLFLTALDKIVFLPFAFTMDKYRWSLFRGEVDKANWNCAFWKLRDEYSGIEPPVVRSEKDFDAP
AKYHISADVEYLRYLVSFIIQFQFYKSACIKAGQYDPDNVELPLDNCDIYGSARAGAAFHNMLSMGASKPWPDALEAFNG
ERIMSGKAIAEYFEPLRVWLEAENIKNNVHIGWITSNKCVSSHHHHH
;
_entity_poly.pdbx_strand_id   A,B
#
# COMPACT_ATOMS: atom_id res chain seq x y z
N ILE A 10 -31.65 26.51 -42.92
CA ILE A 10 -32.75 27.27 -42.24
C ILE A 10 -32.54 27.21 -40.73
N GLN A 11 -33.18 28.12 -40.01
CA GLN A 11 -33.06 28.17 -38.55
C GLN A 11 -34.21 27.51 -37.80
N ALA A 12 -33.85 26.49 -37.03
CA ALA A 12 -34.82 25.78 -36.24
C ALA A 12 -34.71 26.26 -34.80
N LYS A 13 -33.74 27.14 -34.54
CA LYS A 13 -33.56 27.69 -33.20
C LYS A 13 -34.90 28.29 -32.77
N GLU A 14 -35.64 28.79 -33.74
CA GLU A 14 -36.93 29.37 -33.45
C GLU A 14 -37.89 28.24 -33.17
N TYR A 15 -37.80 27.19 -33.96
CA TYR A 15 -38.66 26.04 -33.74
C TYR A 15 -38.46 25.47 -32.34
N LEU A 16 -37.23 25.02 -32.07
CA LEU A 16 -36.89 24.42 -30.79
C LEU A 16 -37.27 25.28 -29.59
N GLU A 17 -37.00 26.59 -29.69
CA GLU A 17 -37.33 27.50 -28.60
C GLU A 17 -38.82 27.43 -28.34
N ASN A 18 -39.59 27.52 -29.43
CA ASN A 18 -41.04 27.47 -29.35
C ASN A 18 -41.50 26.14 -28.75
N LEU A 19 -40.93 25.05 -29.27
CA LEU A 19 -41.27 23.70 -28.87
C LEU A 19 -40.92 23.36 -27.42
N ASN A 20 -39.74 23.79 -26.95
CA ASN A 20 -39.35 23.50 -25.59
C ASN A 20 -40.32 24.18 -24.66
N LYS A 21 -40.63 25.43 -24.98
CA LYS A 21 -41.56 26.22 -24.16
C LYS A 21 -42.90 25.55 -24.03
N GLU A 22 -43.29 24.79 -25.04
CA GLU A 22 -44.58 24.10 -25.02
C GLU A 22 -44.44 22.83 -24.20
N LEU A 23 -43.38 22.09 -24.47
CA LEU A 23 -43.12 20.87 -23.76
C LEU A 23 -43.10 21.17 -22.26
N ALA A 24 -42.45 22.26 -21.87
CA ALA A 24 -42.35 22.64 -20.46
C ALA A 24 -43.72 23.02 -19.92
N LYS A 25 -44.58 23.50 -20.80
CA LYS A 25 -45.92 23.85 -20.41
C LYS A 25 -46.69 22.54 -20.24
N ARG A 26 -46.61 21.68 -21.26
CA ARG A 26 -47.33 20.41 -21.25
C ARG A 26 -46.82 19.40 -20.25
N THR A 27 -45.58 19.54 -19.80
CA THR A 27 -45.07 18.60 -18.82
C THR A 27 -45.52 19.07 -17.45
N ASN A 28 -45.74 20.37 -17.33
CA ASN A 28 -46.21 20.95 -16.08
C ASN A 28 -47.50 20.21 -15.73
N VAL A 29 -48.43 20.18 -16.68
CA VAL A 29 -49.71 19.50 -16.48
C VAL A 29 -49.50 18.08 -15.97
N GLU A 30 -48.68 17.31 -16.69
CA GLU A 30 -48.40 15.93 -16.30
C GLU A 30 -47.84 15.84 -14.90
N THR A 31 -46.97 16.78 -14.57
CA THR A 31 -46.35 16.78 -13.25
C THR A 31 -47.31 17.02 -12.09
N GLU A 32 -48.34 17.84 -12.29
CA GLU A 32 -49.33 18.11 -11.24
C GLU A 32 -50.21 16.87 -10.99
N ALA A 33 -50.42 16.05 -12.02
CA ALA A 33 -51.23 14.86 -11.84
C ALA A 33 -50.38 13.76 -11.21
N ALA A 34 -49.10 13.71 -11.56
CA ALA A 34 -48.20 12.72 -10.98
C ALA A 34 -48.09 13.04 -9.52
N TRP A 35 -47.97 14.33 -9.20
CA TRP A 35 -47.84 14.79 -7.83
C TRP A 35 -49.10 14.68 -6.98
N ALA A 36 -50.28 14.70 -7.61
CA ALA A 36 -51.51 14.59 -6.86
C ALA A 36 -51.70 13.12 -6.47
N TYR A 37 -51.40 12.25 -7.44
CA TYR A 37 -51.51 10.82 -7.27
C TYR A 37 -50.65 10.38 -6.14
N ARG A 38 -49.36 10.67 -6.28
CA ARG A 38 -48.37 10.27 -5.33
C ARG A 38 -48.48 10.94 -3.94
N SER A 39 -49.46 11.81 -3.77
CA SER A 39 -49.72 12.44 -2.49
C SER A 39 -51.03 11.89 -1.98
N ALA A 40 -51.76 11.21 -2.85
CA ALA A 40 -53.06 10.62 -2.51
C ALA A 40 -53.41 9.61 -3.58
N ILE A 41 -53.14 8.34 -3.28
CA ILE A 41 -53.39 7.25 -4.21
C ILE A 41 -54.85 6.85 -4.32
N THR A 42 -55.55 7.41 -5.30
CA THR A 42 -56.96 7.10 -5.55
C THR A 42 -57.03 6.66 -7.00
N ASP A 43 -58.03 5.86 -7.35
CA ASP A 43 -58.11 5.42 -8.74
C ASP A 43 -58.29 6.61 -9.66
N GLU A 44 -59.15 7.56 -9.29
CA GLU A 44 -59.38 8.74 -10.09
C GLU A 44 -58.06 9.45 -10.39
N ASN A 45 -57.30 9.75 -9.34
CA ASN A 45 -56.00 10.40 -9.49
C ASN A 45 -55.08 9.57 -10.35
N GLU A 46 -55.23 8.26 -10.27
CA GLU A 46 -54.41 7.37 -11.08
C GLU A 46 -54.80 7.47 -12.55
N LYS A 47 -56.11 7.60 -12.79
CA LYS A 47 -56.65 7.70 -14.12
C LYS A 47 -56.28 9.01 -14.80
N LYS A 48 -56.31 10.10 -14.06
CA LYS A 48 -55.98 11.41 -14.61
C LYS A 48 -54.51 11.41 -15.00
N LYS A 49 -53.69 10.93 -14.07
CA LYS A 49 -52.26 10.84 -14.24
C LYS A 49 -51.93 10.11 -15.54
N ASN A 50 -52.45 8.89 -15.69
CA ASN A 50 -52.16 8.14 -16.89
C ASN A 50 -52.73 8.80 -18.13
N GLU A 51 -53.87 9.48 -17.98
CA GLU A 51 -54.53 10.15 -19.09
C GLU A 51 -53.58 11.18 -19.69
N ILE A 52 -53.07 12.08 -18.84
CA ILE A 52 -52.14 13.12 -19.26
C ILE A 52 -50.92 12.56 -20.00
N SER A 53 -50.28 11.56 -19.44
CA SER A 53 -49.11 10.95 -20.08
C SER A 53 -49.47 10.42 -21.48
N ALA A 54 -50.64 9.81 -21.62
CA ALA A 54 -51.07 9.29 -22.93
C ALA A 54 -51.18 10.46 -23.91
N GLU A 55 -51.78 11.55 -23.44
CA GLU A 55 -51.93 12.75 -24.26
C GLU A 55 -50.55 13.25 -24.67
N LEU A 56 -49.68 13.47 -23.69
CA LEU A 56 -48.32 13.94 -23.95
C LEU A 56 -47.61 13.03 -24.94
N ALA A 57 -47.78 11.73 -24.75
CA ALA A 57 -47.16 10.74 -25.65
C ALA A 57 -47.50 10.94 -27.14
N LYS A 58 -48.75 11.31 -27.43
CA LYS A 58 -49.20 11.53 -28.80
C LYS A 58 -48.61 12.83 -29.34
N PHE A 59 -48.54 13.85 -28.50
CA PHE A 59 -47.97 15.11 -28.94
C PHE A 59 -46.54 14.84 -29.37
N MET A 60 -45.82 14.06 -28.57
CA MET A 60 -44.43 13.71 -28.86
C MET A 60 -44.28 13.02 -30.22
N LYS A 61 -45.13 12.03 -30.45
CA LYS A 61 -45.11 11.29 -31.70
C LYS A 61 -45.22 12.25 -32.86
N GLU A 62 -46.14 13.21 -32.75
CA GLU A 62 -46.36 14.19 -33.80
C GLU A 62 -45.22 15.20 -33.86
N VAL A 63 -44.70 15.55 -32.69
CA VAL A 63 -43.59 16.48 -32.64
C VAL A 63 -42.37 15.82 -33.26
N ALA A 64 -42.28 14.50 -33.07
CA ALA A 64 -41.16 13.71 -33.59
C ALA A 64 -41.15 13.61 -35.11
N SER A 65 -42.31 13.52 -35.72
CA SER A 65 -42.39 13.42 -37.17
C SER A 65 -42.21 14.78 -37.86
N ASP A 66 -42.48 15.86 -37.13
CA ASP A 66 -42.32 17.20 -37.68
C ASP A 66 -40.85 17.53 -37.86
N THR A 67 -40.02 17.03 -36.95
CA THR A 67 -38.59 17.28 -37.00
C THR A 67 -37.94 16.65 -38.22
N THR A 68 -38.68 15.81 -38.94
CA THR A 68 -38.14 15.20 -40.13
C THR A 68 -37.90 16.33 -41.13
N LYS A 69 -38.66 17.41 -40.97
CA LYS A 69 -38.55 18.58 -41.83
C LYS A 69 -37.11 19.08 -41.75
N PHE A 70 -36.64 19.32 -40.53
CA PHE A 70 -35.28 19.82 -40.30
C PHE A 70 -34.23 18.70 -40.32
N GLN A 71 -33.32 18.73 -41.28
CA GLN A 71 -32.30 17.69 -41.35
C GLN A 71 -31.12 18.10 -40.47
N TRP A 72 -31.27 17.91 -39.15
CA TRP A 72 -30.22 18.27 -38.18
C TRP A 72 -28.98 17.36 -38.20
N ARG A 73 -29.13 16.16 -38.78
CA ARG A 73 -28.01 15.23 -38.84
C ARG A 73 -26.89 15.88 -39.67
N SER A 74 -27.21 17.00 -40.31
CA SER A 74 -26.24 17.69 -41.17
C SER A 74 -26.00 19.15 -40.75
N TYR A 75 -26.76 19.62 -39.76
CA TYR A 75 -26.62 20.99 -39.30
C TYR A 75 -25.22 21.47 -38.96
N GLN A 76 -25.14 22.73 -38.57
CA GLN A 76 -23.87 23.38 -38.24
C GLN A 76 -23.42 23.33 -36.77
N SER A 77 -24.05 24.15 -35.93
CA SER A 77 -23.71 24.24 -34.51
C SER A 77 -24.38 23.15 -33.70
N GLU A 78 -23.67 22.58 -32.72
CA GLU A 78 -24.31 21.57 -31.89
C GLU A 78 -25.29 22.35 -31.05
N ASP A 79 -25.58 21.83 -29.86
CA ASP A 79 -26.54 22.47 -28.97
C ASP A 79 -27.88 22.36 -29.69
N LEU A 80 -27.98 22.99 -30.85
CA LEU A 80 -29.17 22.94 -31.70
C LEU A 80 -29.20 21.49 -32.15
N LYS A 81 -28.08 21.08 -32.71
CA LYS A 81 -27.91 19.73 -33.19
C LYS A 81 -27.95 18.76 -32.01
N ARG A 82 -27.89 19.30 -30.80
CA ARG A 82 -27.94 18.49 -29.58
C ARG A 82 -29.37 18.36 -29.06
N GLN A 83 -30.15 19.42 -29.22
CA GLN A 83 -31.54 19.41 -28.78
C GLN A 83 -32.44 18.47 -29.58
N PHE A 84 -32.12 18.25 -30.86
CA PHE A 84 -32.90 17.34 -31.70
C PHE A 84 -32.64 15.89 -31.37
N LYS A 85 -31.37 15.52 -31.23
CA LYS A 85 -31.04 14.15 -30.91
C LYS A 85 -31.76 13.72 -29.63
N ALA A 86 -31.92 14.68 -28.71
CA ALA A 86 -32.56 14.44 -27.42
C ALA A 86 -34.08 14.52 -27.45
N LEU A 87 -34.59 15.47 -28.22
CA LEU A 87 -36.02 15.63 -28.30
C LEU A 87 -36.66 14.55 -29.19
N THR A 88 -35.87 13.96 -30.08
CA THR A 88 -36.36 12.92 -30.98
C THR A 88 -36.19 11.54 -30.37
N LYS A 89 -35.41 11.45 -29.30
CA LYS A 89 -35.25 10.18 -28.63
C LYS A 89 -36.53 10.04 -27.83
N LEU A 90 -37.46 9.28 -28.37
CA LEU A 90 -38.74 9.08 -27.71
C LEU A 90 -38.62 7.84 -26.84
N GLY A 91 -38.96 7.97 -25.56
CA GLY A 91 -38.87 6.80 -24.70
C GLY A 91 -40.07 5.89 -24.94
N TYR A 92 -40.80 5.60 -23.87
CA TYR A 92 -41.98 4.75 -23.97
C TYR A 92 -42.99 5.30 -24.96
N ALA A 93 -42.92 6.61 -25.20
CA ALA A 93 -43.85 7.28 -26.10
C ALA A 93 -43.72 6.79 -27.54
N ALA A 94 -42.68 6.03 -27.83
CA ALA A 94 -42.52 5.52 -29.17
C ALA A 94 -43.51 4.38 -29.37
N LEU A 95 -43.91 3.74 -28.27
CA LEU A 95 -44.87 2.64 -28.32
C LEU A 95 -46.20 3.04 -28.95
N PRO A 96 -46.85 2.13 -29.69
CA PRO A 96 -48.13 2.53 -30.27
C PRO A 96 -49.14 2.79 -29.14
N GLU A 97 -50.25 3.43 -29.47
CA GLU A 97 -51.28 3.76 -28.48
C GLU A 97 -51.66 2.64 -27.55
N ASP A 98 -52.03 1.49 -28.12
CA ASP A 98 -52.45 0.35 -27.33
C ASP A 98 -51.45 -0.03 -26.25
N ASP A 99 -50.20 -0.27 -26.64
CA ASP A 99 -49.15 -0.66 -25.69
C ASP A 99 -48.73 0.39 -24.64
N TYR A 100 -48.58 1.64 -25.07
CA TYR A 100 -48.19 2.67 -24.13
C TYR A 100 -49.20 2.67 -22.98
N ALA A 101 -50.48 2.59 -23.33
CA ALA A 101 -51.50 2.56 -22.31
C ALA A 101 -51.38 1.31 -21.47
N GLU A 102 -51.16 0.16 -22.09
CA GLU A 102 -51.06 -1.06 -21.30
C GLU A 102 -49.85 -0.97 -20.38
N LEU A 103 -48.79 -0.31 -20.84
CA LEU A 103 -47.60 -0.17 -20.00
C LEU A 103 -47.90 0.72 -18.79
N LEU A 104 -48.66 1.79 -19.01
CA LEU A 104 -49.02 2.69 -17.92
C LEU A 104 -49.82 1.93 -16.87
N ASP A 105 -50.74 1.08 -17.31
CA ASP A 105 -51.53 0.33 -16.36
C ASP A 105 -50.65 -0.59 -15.57
N THR A 106 -49.89 -1.44 -16.26
CA THR A 106 -49.01 -2.38 -15.57
C THR A 106 -48.07 -1.58 -14.66
N LEU A 107 -47.57 -0.45 -15.18
CA LEU A 107 -46.69 0.43 -14.43
C LEU A 107 -47.40 0.98 -13.19
N SER A 108 -48.70 1.26 -13.30
CA SER A 108 -49.44 1.77 -12.15
C SER A 108 -49.61 0.66 -11.13
N ALA A 109 -49.88 -0.55 -11.62
CA ALA A 109 -50.09 -1.70 -10.74
C ALA A 109 -48.98 -1.92 -9.71
N MET A 110 -47.75 -2.00 -10.19
CA MET A 110 -46.63 -2.26 -9.29
C MET A 110 -46.38 -1.10 -8.31
N GLU A 111 -46.44 0.12 -8.82
CA GLU A 111 -46.21 1.31 -8.02
C GLU A 111 -47.12 1.38 -6.81
N SER A 112 -48.43 1.26 -7.03
CA SER A 112 -49.39 1.30 -5.93
C SER A 112 -49.33 0.03 -5.10
N ASN A 113 -49.01 -1.10 -5.72
CA ASN A 113 -48.94 -2.29 -4.89
C ASN A 113 -47.89 -2.11 -3.80
N PHE A 114 -46.75 -1.57 -4.20
CA PHE A 114 -45.65 -1.34 -3.26
C PHE A 114 -46.12 -0.43 -2.13
N ALA A 115 -46.57 0.76 -2.52
CA ALA A 115 -47.04 1.74 -1.58
C ALA A 115 -48.21 1.27 -0.70
N LYS A 116 -49.00 0.33 -1.17
CA LYS A 116 -50.14 -0.09 -0.35
C LYS A 116 -49.91 -1.29 0.55
N VAL A 117 -48.65 -1.68 0.70
CA VAL A 117 -48.36 -2.83 1.54
C VAL A 117 -48.64 -2.57 3.04
N LYS A 118 -49.18 -3.58 3.68
CA LYS A 118 -49.49 -3.53 5.09
C LYS A 118 -49.29 -4.94 5.64
N VAL A 119 -48.64 -5.02 6.80
CA VAL A 119 -48.45 -6.31 7.44
C VAL A 119 -49.00 -6.25 8.87
N CYS A 120 -49.22 -7.42 9.47
CA CYS A 120 -49.75 -7.50 10.84
C CYS A 120 -48.61 -7.51 11.88
N ASP A 121 -48.74 -6.73 12.95
CA ASP A 121 -47.69 -6.67 13.97
C ASP A 121 -47.37 -8.07 14.53
N TYR A 122 -46.07 -8.39 14.53
CA TYR A 122 -45.58 -9.68 14.99
C TYR A 122 -46.14 -10.17 16.30
N LYS A 123 -46.45 -9.23 17.20
CA LYS A 123 -47.00 -9.55 18.53
C LYS A 123 -48.46 -9.14 18.71
N ASP A 124 -49.19 -8.93 17.62
CA ASP A 124 -50.60 -8.57 17.70
C ASP A 124 -51.28 -8.70 16.33
N SER A 125 -51.57 -9.94 15.94
CA SER A 125 -52.18 -10.25 14.66
C SER A 125 -53.49 -9.51 14.37
N THR A 126 -53.95 -8.69 15.31
CA THR A 126 -55.20 -7.95 15.12
C THR A 126 -54.99 -6.64 14.34
N LYS A 127 -53.89 -5.94 14.63
CA LYS A 127 -53.60 -4.67 13.95
C LYS A 127 -53.53 -4.73 12.43
N CYS A 128 -52.46 -5.30 11.89
CA CYS A 128 -52.33 -5.40 10.44
C CYS A 128 -52.36 -4.06 9.68
N ASP A 129 -51.98 -2.95 10.31
CA ASP A 129 -51.97 -1.69 9.59
C ASP A 129 -50.58 -1.09 9.58
N LEU A 130 -49.57 -1.91 9.90
CA LEU A 130 -48.18 -1.46 9.88
C LEU A 130 -47.70 -1.28 8.45
N ALA A 131 -47.08 -0.14 8.16
CA ALA A 131 -46.58 0.14 6.84
C ALA A 131 -45.05 0.20 6.83
N LEU A 132 -44.49 0.11 5.63
CA LEU A 132 -43.05 0.13 5.48
C LEU A 132 -42.36 1.37 6.01
N ASP A 133 -42.71 2.55 5.51
CA ASP A 133 -42.02 3.75 5.96
C ASP A 133 -41.94 3.83 7.47
N PRO A 134 -43.01 4.28 8.13
CA PRO A 134 -42.82 4.32 9.57
C PRO A 134 -42.50 2.96 10.21
N GLU A 135 -43.53 2.26 10.67
CA GLU A 135 -43.38 0.99 11.39
C GLU A 135 -42.34 -0.04 10.99
N ILE A 136 -42.49 -0.67 9.83
CA ILE A 136 -41.53 -1.70 9.44
C ILE A 136 -40.07 -1.25 9.40
N GLU A 137 -39.79 -0.10 8.79
CA GLU A 137 -38.41 0.37 8.72
C GLU A 137 -37.82 0.60 10.10
N GLU A 138 -38.68 0.88 11.08
CA GLU A 138 -38.23 1.09 12.45
C GLU A 138 -37.86 -0.22 13.11
N VAL A 139 -38.67 -1.24 12.83
CA VAL A 139 -38.42 -2.57 13.39
C VAL A 139 -37.11 -3.15 12.85
N ILE A 140 -36.99 -3.23 11.53
CA ILE A 140 -35.79 -3.78 10.91
C ILE A 140 -34.57 -3.07 11.48
N SER A 141 -34.74 -1.79 11.76
CA SER A 141 -33.68 -0.93 12.27
C SER A 141 -33.36 -1.02 13.75
N LYS A 142 -34.33 -1.36 14.59
CA LYS A 142 -34.09 -1.40 16.03
C LYS A 142 -34.14 -2.77 16.71
N SER A 143 -35.00 -3.65 16.23
CA SER A 143 -35.16 -4.99 16.80
C SER A 143 -33.87 -5.80 16.75
N ARG A 144 -33.69 -6.66 17.74
CA ARG A 144 -32.49 -7.49 17.81
C ARG A 144 -32.94 -8.91 18.09
N ASP A 145 -34.09 -9.26 17.54
CA ASP A 145 -34.63 -10.61 17.69
C ASP A 145 -34.67 -11.11 16.24
N HIS A 146 -33.68 -11.90 15.86
CA HIS A 146 -33.60 -12.41 14.50
C HIS A 146 -34.90 -13.02 13.99
N GLU A 147 -35.60 -13.73 14.85
CA GLU A 147 -36.87 -14.33 14.44
C GLU A 147 -37.92 -13.27 14.11
N GLU A 148 -37.92 -12.15 14.84
CA GLU A 148 -38.87 -11.07 14.56
C GLU A 148 -38.52 -10.33 13.25
N LEU A 149 -37.22 -10.14 12.99
CA LEU A 149 -36.77 -9.46 11.77
C LEU A 149 -37.06 -10.37 10.57
N ALA A 150 -37.07 -11.68 10.85
CA ALA A 150 -37.33 -12.69 9.84
C ALA A 150 -38.80 -12.57 9.43
N TYR A 151 -39.65 -12.46 10.44
CA TYR A 151 -41.08 -12.32 10.24
C TYR A 151 -41.38 -11.19 9.29
N TYR A 152 -40.94 -9.99 9.67
CA TYR A 152 -41.11 -8.79 8.89
C TYR A 152 -40.42 -8.81 7.53
N TRP A 153 -39.34 -9.58 7.40
CA TRP A 153 -38.66 -9.67 6.10
C TRP A 153 -39.62 -10.43 5.20
N ARG A 154 -39.87 -11.67 5.59
CA ARG A 154 -40.77 -12.55 4.88
C ARG A 154 -42.12 -11.90 4.55
N GLU A 155 -42.77 -11.28 5.54
CA GLU A 155 -44.06 -10.65 5.33
C GLU A 155 -44.03 -9.54 4.30
N PHE A 156 -42.93 -8.81 4.24
CA PHE A 156 -42.81 -7.71 3.31
C PHE A 156 -42.43 -8.11 1.88
N TYR A 157 -41.57 -9.12 1.73
CA TYR A 157 -41.15 -9.55 0.40
C TYR A 157 -42.25 -10.33 -0.34
N ASP A 158 -43.16 -10.98 0.39
CA ASP A 158 -44.21 -11.74 -0.27
C ASP A 158 -45.28 -10.79 -0.89
N LYS A 159 -45.50 -9.66 -0.23
CA LYS A 159 -46.49 -8.68 -0.69
C LYS A 159 -45.91 -7.77 -1.74
N ALA A 160 -44.76 -7.16 -1.44
CA ALA A 160 -44.08 -6.22 -2.34
C ALA A 160 -43.45 -6.77 -3.62
N GLY A 161 -42.97 -8.01 -3.59
CA GLY A 161 -42.34 -8.57 -4.76
C GLY A 161 -43.20 -9.60 -5.48
N THR A 162 -43.31 -10.77 -4.86
CA THR A 162 -44.08 -11.87 -5.41
C THR A 162 -45.39 -11.45 -6.07
N ALA A 163 -46.31 -10.87 -5.31
CA ALA A 163 -47.62 -10.45 -5.82
C ALA A 163 -47.64 -9.71 -7.17
N VAL A 164 -46.51 -9.15 -7.57
CA VAL A 164 -46.47 -8.42 -8.81
C VAL A 164 -45.50 -8.99 -9.85
N ARG A 165 -45.26 -10.29 -9.82
CA ARG A 165 -44.36 -10.88 -10.81
C ARG A 165 -44.85 -10.75 -12.27
N SER A 166 -46.13 -11.06 -12.50
CA SER A 166 -46.71 -10.99 -13.84
C SER A 166 -46.58 -9.62 -14.49
N GLN A 167 -47.05 -8.60 -13.78
CA GLN A 167 -46.95 -7.25 -14.31
C GLN A 167 -45.50 -6.95 -14.61
N PHE A 168 -44.62 -7.30 -13.68
CA PHE A 168 -43.22 -7.03 -13.93
C PHE A 168 -42.76 -7.71 -15.23
N GLU A 169 -43.31 -8.86 -15.58
CA GLU A 169 -42.87 -9.54 -16.80
C GLU A 169 -43.34 -8.80 -18.05
N ARG A 170 -44.55 -8.27 -18.04
CA ARG A 170 -45.02 -7.55 -19.21
C ARG A 170 -44.30 -6.20 -19.30
N TYR A 171 -43.80 -5.73 -18.16
CA TYR A 171 -43.09 -4.45 -18.08
C TYR A 171 -41.79 -4.57 -18.82
N VAL A 172 -41.10 -5.69 -18.61
CA VAL A 172 -39.84 -5.91 -19.26
C VAL A 172 -40.13 -6.03 -20.76
N GLU A 173 -41.21 -6.74 -21.10
CA GLU A 173 -41.56 -6.92 -22.50
C GLU A 173 -41.77 -5.60 -23.24
N LEU A 174 -42.60 -4.72 -22.67
CA LEU A 174 -42.85 -3.44 -23.30
C LEU A 174 -41.64 -2.53 -23.21
N ASN A 175 -40.83 -2.73 -22.18
CA ASN A 175 -39.63 -1.92 -22.01
C ASN A 175 -38.73 -2.22 -23.22
N THR A 176 -38.53 -3.51 -23.47
CA THR A 176 -37.71 -3.97 -24.57
C THR A 176 -38.30 -3.46 -25.89
N LYS A 177 -39.60 -3.62 -26.05
CA LYS A 177 -40.24 -3.18 -27.28
C LYS A 177 -39.96 -1.71 -27.53
N ALA A 178 -40.17 -0.88 -26.52
CA ALA A 178 -39.94 0.56 -26.66
C ALA A 178 -38.49 0.92 -27.03
N ALA A 179 -37.53 0.15 -26.53
CA ALA A 179 -36.11 0.40 -26.79
C ALA A 179 -35.67 0.08 -28.21
N LYS A 180 -36.26 -0.96 -28.80
CA LYS A 180 -35.91 -1.31 -30.16
C LYS A 180 -36.60 -0.30 -31.08
N LEU A 181 -37.67 0.29 -30.58
CA LEU A 181 -38.43 1.29 -31.32
C LEU A 181 -37.66 2.61 -31.43
N ASN A 182 -36.51 2.68 -30.76
CA ASN A 182 -35.66 3.87 -30.77
C ASN A 182 -34.24 3.58 -31.23
N ASN A 183 -34.05 2.37 -31.76
CA ASN A 183 -32.76 1.94 -32.27
C ASN A 183 -31.77 1.52 -31.19
N PHE A 184 -32.28 1.20 -30.00
CA PHE A 184 -31.45 0.72 -28.90
C PHE A 184 -31.57 -0.81 -28.90
N THR A 185 -30.54 -1.47 -28.39
CA THR A 185 -30.51 -2.92 -28.30
C THR A 185 -31.60 -3.41 -27.35
N SER A 186 -31.82 -2.65 -26.29
CA SER A 186 -32.81 -3.03 -25.29
C SER A 186 -32.98 -1.87 -24.33
N GLY A 187 -33.77 -2.10 -23.29
CA GLY A 187 -33.95 -1.07 -22.28
C GLY A 187 -32.65 -0.84 -21.56
N ALA A 188 -31.81 -1.89 -21.51
CA ALA A 188 -30.51 -1.81 -20.83
C ALA A 188 -29.61 -0.77 -21.46
N GLU A 189 -29.32 -0.96 -22.76
CA GLU A 189 -28.46 -0.05 -23.50
C GLU A 189 -29.02 1.37 -23.60
N ALA A 190 -30.33 1.50 -23.36
CA ALA A 190 -31.02 2.79 -23.42
C ALA A 190 -30.76 3.61 -22.15
N TRP A 191 -30.66 2.94 -21.01
CA TRP A 191 -30.35 3.62 -19.77
C TRP A 191 -28.91 4.10 -19.86
N LEU A 192 -28.01 3.19 -20.24
CA LEU A 192 -26.59 3.51 -20.38
C LEU A 192 -26.34 4.72 -21.28
N ASP A 193 -27.12 4.84 -22.33
CA ASP A 193 -26.99 5.96 -23.24
C ASP A 193 -26.99 7.30 -22.49
N GLU A 194 -27.67 7.35 -21.35
CA GLU A 194 -27.75 8.59 -20.58
C GLU A 194 -26.41 9.10 -20.10
N TYR A 195 -25.41 8.22 -20.11
CA TYR A 195 -24.06 8.59 -19.67
C TYR A 195 -23.11 8.91 -20.85
N GLU A 196 -23.66 8.85 -22.05
CA GLU A 196 -22.91 9.14 -23.28
C GLU A 196 -21.46 8.65 -23.26
N ASP A 197 -21.26 7.36 -23.03
CA ASP A 197 -19.90 6.82 -23.01
C ASP A 197 -19.91 5.30 -23.24
N ASP A 198 -19.43 4.88 -24.41
CA ASP A 198 -19.42 3.48 -24.81
C ASP A 198 -18.66 2.52 -23.90
N THR A 199 -17.84 3.04 -23.01
CA THR A 199 -17.09 2.16 -22.10
C THR A 199 -17.51 2.37 -20.64
N PHE A 200 -18.66 3.02 -20.42
CA PHE A 200 -19.11 3.31 -19.06
C PHE A 200 -19.19 2.09 -18.12
N GLU A 201 -20.00 1.12 -18.50
CA GLU A 201 -20.17 -0.07 -17.68
C GLU A 201 -18.82 -0.66 -17.27
N GLN A 202 -17.86 -0.71 -18.21
CA GLN A 202 -16.56 -1.26 -17.91
C GLN A 202 -15.80 -0.37 -16.92
N GLN A 203 -15.95 0.96 -17.04
CA GLN A 203 -15.29 1.87 -16.11
C GLN A 203 -15.79 1.54 -14.71
N LEU A 204 -17.09 1.26 -14.61
CA LEU A 204 -17.70 0.93 -13.34
C LEU A 204 -17.28 -0.44 -12.84
N GLU A 205 -17.18 -1.40 -13.75
CA GLU A 205 -16.76 -2.74 -13.35
C GLU A 205 -15.32 -2.66 -12.80
N ASP A 206 -14.53 -1.75 -13.37
CA ASP A 206 -13.16 -1.52 -12.94
C ASP A 206 -13.07 -0.93 -11.54
N ILE A 207 -13.70 0.22 -11.34
CA ILE A 207 -13.69 0.90 -10.06
C ILE A 207 -14.21 -0.01 -8.95
N PHE A 208 -15.22 -0.82 -9.25
CA PHE A 208 -15.75 -1.69 -8.22
C PHE A 208 -14.66 -2.66 -7.79
N ALA A 209 -13.86 -3.09 -8.75
CA ALA A 209 -12.78 -4.04 -8.49
C ALA A 209 -11.72 -3.46 -7.53
N ASP A 210 -11.45 -2.15 -7.64
CA ASP A 210 -10.45 -1.49 -6.81
C ASP A 210 -10.91 -1.35 -5.36
N ILE A 211 -12.20 -1.09 -5.20
CA ILE A 211 -12.75 -0.91 -3.87
C ILE A 211 -13.22 -2.22 -3.24
N ARG A 212 -13.41 -3.24 -4.07
CA ARG A 212 -13.89 -4.53 -3.57
C ARG A 212 -13.10 -5.01 -2.38
N PRO A 213 -11.75 -5.07 -2.50
CA PRO A 213 -10.89 -5.54 -1.41
C PRO A 213 -11.33 -4.85 -0.13
N LEU A 214 -11.57 -3.54 -0.23
CA LEU A 214 -12.05 -2.79 0.91
C LEU A 214 -13.39 -3.37 1.29
N TYR A 215 -14.27 -3.60 0.32
CA TYR A 215 -15.57 -4.15 0.68
C TYR A 215 -15.44 -5.49 1.40
N GLN A 216 -14.37 -6.23 1.11
CA GLN A 216 -14.17 -7.53 1.76
C GLN A 216 -13.21 -7.49 2.94
N GLN A 217 -13.55 -6.65 3.91
CA GLN A 217 -12.80 -6.47 5.15
C GLN A 217 -13.84 -5.91 6.10
N ILE A 218 -14.80 -5.19 5.54
CA ILE A 218 -15.91 -4.61 6.27
C ILE A 218 -16.89 -5.75 6.45
N HIS A 219 -17.06 -6.49 5.35
CA HIS A 219 -17.95 -7.64 5.31
C HIS A 219 -17.62 -8.66 6.38
N GLY A 220 -16.40 -9.17 6.35
CA GLY A 220 -15.98 -10.16 7.33
C GLY A 220 -16.04 -9.64 8.75
N TYR A 221 -15.79 -8.35 8.93
CA TYR A 221 -15.82 -7.75 10.26
C TYR A 221 -17.24 -7.68 10.81
N VAL A 222 -18.16 -7.13 10.03
CA VAL A 222 -19.56 -7.03 10.44
C VAL A 222 -20.06 -8.42 10.77
N ARG A 223 -19.69 -9.37 9.92
CA ARG A 223 -20.08 -10.77 10.09
C ARG A 223 -19.51 -11.32 11.39
N PHE A 224 -18.34 -10.84 11.76
CA PHE A 224 -17.66 -11.28 12.98
C PHE A 224 -18.46 -10.89 14.22
N ARG A 225 -18.86 -9.62 14.28
CA ARG A 225 -19.63 -9.10 15.42
C ARG A 225 -21.03 -9.67 15.45
N LEU A 226 -21.71 -9.64 14.31
CA LEU A 226 -23.07 -10.17 14.21
C LEU A 226 -23.10 -11.59 14.74
N ARG A 227 -22.13 -12.40 14.30
CA ARG A 227 -22.02 -13.78 14.74
C ARG A 227 -21.66 -13.87 16.23
N LYS A 228 -20.88 -12.90 16.71
CA LYS A 228 -20.50 -12.88 18.11
C LYS A 228 -21.74 -12.50 18.95
N HIS A 229 -22.54 -11.59 18.40
CA HIS A 229 -23.75 -11.11 19.05
C HIS A 229 -24.95 -12.04 18.95
N TYR A 230 -25.29 -12.46 17.73
CA TYR A 230 -26.43 -13.33 17.53
C TYR A 230 -26.11 -14.80 17.77
N GLY A 231 -24.84 -15.16 17.66
CA GLY A 231 -24.46 -16.52 17.87
C GLY A 231 -24.16 -17.31 16.61
N ASP A 232 -23.46 -18.41 16.80
CA ASP A 232 -23.06 -19.32 15.73
C ASP A 232 -24.29 -19.87 14.99
N ALA A 233 -25.24 -20.40 15.73
CA ALA A 233 -26.44 -20.96 15.13
C ALA A 233 -27.20 -19.98 14.22
N VAL A 234 -27.15 -18.70 14.52
CA VAL A 234 -27.86 -17.72 13.72
C VAL A 234 -27.02 -17.13 12.59
N VAL A 235 -25.76 -16.81 12.88
CA VAL A 235 -24.88 -16.25 11.84
C VAL A 235 -23.67 -17.17 11.84
N SER A 236 -23.35 -17.75 10.68
CA SER A 236 -22.22 -18.65 10.59
C SER A 236 -21.03 -17.96 9.97
N GLU A 237 -19.84 -18.43 10.32
CA GLU A 237 -18.61 -17.89 9.75
C GLU A 237 -18.56 -18.43 8.33
N THR A 238 -17.82 -17.79 7.45
CA THR A 238 -17.67 -18.24 6.06
C THR A 238 -18.94 -18.29 5.18
N GLY A 239 -20.11 -18.18 5.79
CA GLY A 239 -21.34 -18.19 5.02
C GLY A 239 -21.77 -16.78 4.66
N PRO A 240 -22.67 -16.61 3.69
CA PRO A 240 -23.04 -15.23 3.38
C PRO A 240 -23.86 -14.63 4.55
N ILE A 241 -23.82 -13.32 4.70
CA ILE A 241 -24.52 -12.69 5.80
C ILE A 241 -26.05 -12.67 5.66
N PRO A 242 -26.75 -13.22 6.65
CA PRO A 242 -28.20 -13.24 6.63
C PRO A 242 -28.68 -11.81 6.66
N MET A 243 -29.51 -11.41 5.70
CA MET A 243 -30.04 -10.05 5.66
C MET A 243 -30.84 -9.83 6.95
N HIS A 244 -31.93 -9.11 6.86
CA HIS A 244 -32.79 -8.84 8.01
C HIS A 244 -32.07 -8.48 9.30
N LEU A 245 -30.77 -8.75 9.35
CA LEU A 245 -29.89 -8.49 10.51
C LEU A 245 -28.95 -7.30 10.25
N LEU A 246 -28.83 -6.85 9.00
CA LEU A 246 -27.96 -5.74 8.65
C LEU A 246 -28.63 -4.39 8.87
N GLY A 247 -29.85 -4.42 9.41
CA GLY A 247 -30.60 -3.20 9.71
C GLY A 247 -31.30 -2.47 8.60
N ASN A 248 -31.43 -3.12 7.46
CA ASN A 248 -32.08 -2.46 6.32
C ASN A 248 -32.79 -3.51 5.46
N MET A 249 -34.04 -3.22 5.15
CA MET A 249 -34.91 -4.09 4.38
C MET A 249 -34.25 -4.75 3.14
N TRP A 250 -33.33 -4.03 2.50
CA TRP A 250 -32.63 -4.50 1.30
C TRP A 250 -31.13 -4.61 1.58
N ALA A 251 -30.75 -4.30 2.81
CA ALA A 251 -29.35 -4.36 3.22
C ALA A 251 -28.42 -3.43 2.42
N GLN A 252 -28.97 -2.42 1.78
CA GLN A 252 -28.13 -1.50 1.02
C GLN A 252 -27.21 -0.65 1.94
N GLN A 253 -27.59 -0.48 3.20
CA GLN A 253 -26.80 0.30 4.14
C GLN A 253 -26.87 -0.36 5.50
N TRP A 254 -25.77 -0.37 6.24
CA TRP A 254 -25.77 -1.03 7.55
C TRP A 254 -25.60 -0.12 8.79
N SER A 255 -25.46 1.19 8.62
CA SER A 255 -25.27 2.06 9.80
C SER A 255 -26.24 1.85 10.96
N GLU A 256 -27.47 1.45 10.67
CA GLU A 256 -28.46 1.21 11.72
C GLU A 256 -28.04 0.17 12.77
N ILE A 257 -27.05 -0.66 12.47
CA ILE A 257 -26.64 -1.64 13.46
C ILE A 257 -25.26 -1.29 13.95
N ALA A 258 -25.02 0.00 14.13
CA ALA A 258 -23.72 0.42 14.60
C ALA A 258 -23.66 0.18 16.10
N ASP A 259 -24.83 0.08 16.73
CA ASP A 259 -24.87 -0.13 18.18
C ASP A 259 -24.37 -1.49 18.56
N ILE A 260 -24.29 -2.40 17.59
CA ILE A 260 -23.83 -3.75 17.91
C ILE A 260 -22.61 -4.19 17.11
N VAL A 261 -22.21 -3.40 16.13
CA VAL A 261 -21.05 -3.76 15.31
C VAL A 261 -19.96 -2.69 15.19
N SER A 262 -20.15 -1.52 15.79
CA SER A 262 -19.12 -0.48 15.70
C SER A 262 -17.93 -0.91 16.59
N PRO A 263 -16.70 -0.72 16.10
CA PRO A 263 -15.53 -1.12 16.87
C PRO A 263 -15.39 -0.40 18.21
N PHE A 264 -15.99 0.78 18.31
CA PHE A 264 -15.90 1.56 19.53
C PHE A 264 -17.22 2.16 19.96
N PRO A 265 -18.12 1.32 20.50
CA PRO A 265 -19.41 1.82 20.96
C PRO A 265 -19.11 2.54 22.27
N GLU A 266 -17.98 2.15 22.89
CA GLU A 266 -17.49 2.74 24.15
C GLU A 266 -17.04 4.17 23.85
N LYS A 267 -16.19 4.31 22.82
CA LYS A 267 -15.70 5.61 22.40
C LYS A 267 -16.93 6.33 21.86
N PRO A 268 -16.96 7.66 21.96
CA PRO A 268 -18.14 8.38 21.47
C PRO A 268 -18.67 7.89 20.13
N LEU A 269 -19.98 7.68 20.05
CA LEU A 269 -20.58 7.26 18.80
C LEU A 269 -21.26 8.46 18.18
N VAL A 270 -20.99 8.70 16.90
CA VAL A 270 -21.59 9.84 16.23
C VAL A 270 -23.02 9.47 15.88
N ASP A 271 -23.89 9.48 16.89
CA ASP A 271 -25.30 9.15 16.73
C ASP A 271 -26.18 10.32 17.19
N VAL A 272 -26.06 11.43 16.48
CA VAL A 272 -26.82 12.65 16.79
C VAL A 272 -28.31 12.40 16.84
N SER A 273 -28.74 11.31 16.23
CA SER A 273 -30.15 10.96 16.18
C SER A 273 -30.96 11.17 17.48
N ALA A 274 -30.40 10.78 18.63
CA ALA A 274 -31.13 10.96 19.89
C ALA A 274 -31.01 12.35 20.51
N GLU A 275 -29.94 13.07 20.18
CA GLU A 275 -29.74 14.42 20.70
C GLU A 275 -30.66 15.34 19.91
N MET A 276 -31.08 14.86 18.75
CA MET A 276 -31.99 15.61 17.91
C MET A 276 -33.36 15.58 18.56
N GLU A 277 -33.83 14.38 18.87
CA GLU A 277 -35.14 14.20 19.49
C GLU A 277 -35.26 14.93 20.81
N LYS A 278 -34.19 14.92 21.60
CA LYS A 278 -34.21 15.59 22.88
C LYS A 278 -34.26 17.13 22.74
N GLN A 279 -33.69 17.65 21.66
CA GLN A 279 -33.69 19.10 21.47
C GLN A 279 -34.96 19.61 20.79
N ALA A 280 -35.92 18.70 20.61
CA ALA A 280 -37.20 19.04 19.98
C ALA A 280 -37.05 19.40 18.51
N TYR A 281 -36.09 18.76 17.84
CA TYR A 281 -35.86 19.00 16.41
C TYR A 281 -37.13 18.61 15.66
N THR A 282 -37.44 19.37 14.62
CA THR A 282 -38.64 19.11 13.82
C THR A 282 -38.29 19.05 12.33
N PRO A 283 -39.13 18.38 11.53
CA PRO A 283 -38.92 18.26 10.08
C PRO A 283 -38.62 19.63 9.48
N LEU A 284 -39.51 20.58 9.77
CA LEU A 284 -39.39 21.95 9.30
C LEU A 284 -38.01 22.53 9.66
N LYS A 285 -37.61 22.41 10.92
CA LYS A 285 -36.32 22.93 11.36
C LYS A 285 -35.19 22.31 10.55
N MET A 286 -35.33 21.03 10.23
CA MET A 286 -34.32 20.32 9.44
C MET A 286 -34.20 20.85 8.02
N PHE A 287 -35.33 21.16 7.39
CA PHE A 287 -35.28 21.71 6.03
C PHE A 287 -34.61 23.07 6.08
N GLN A 288 -34.98 23.86 7.08
CA GLN A 288 -34.42 25.19 7.25
C GLN A 288 -32.91 25.12 7.44
N MET A 289 -32.47 24.10 8.17
CA MET A 289 -31.04 23.91 8.38
C MET A 289 -30.45 23.57 7.03
N GLY A 290 -31.18 22.81 6.23
CA GLY A 290 -30.69 22.44 4.91
C GLY A 290 -30.69 23.61 3.96
N ASP A 291 -31.63 24.53 4.17
CA ASP A 291 -31.71 25.71 3.32
C ASP A 291 -30.45 26.53 3.58
N ASP A 292 -30.12 26.66 4.86
CA ASP A 292 -28.95 27.41 5.33
C ASP A 292 -27.62 27.04 4.70
N PHE A 293 -27.34 25.75 4.62
CA PHE A 293 -26.09 25.28 4.05
C PHE A 293 -25.89 25.83 2.63
N PHE A 294 -26.92 25.71 1.80
CA PHE A 294 -26.84 26.19 0.43
C PHE A 294 -26.61 27.70 0.38
N THR A 295 -27.38 28.47 1.12
CA THR A 295 -27.19 29.91 1.09
C THR A 295 -25.80 30.25 1.66
N SER A 296 -25.35 29.45 2.63
CA SER A 296 -24.02 29.66 3.23
C SER A 296 -22.95 29.64 2.15
N MET A 297 -23.19 28.86 1.10
CA MET A 297 -22.26 28.68 -0.01
C MET A 297 -22.56 29.61 -1.18
N ASN A 298 -23.40 30.61 -0.95
CA ASN A 298 -23.80 31.55 -1.98
C ASN A 298 -24.67 30.85 -3.04
N LEU A 299 -25.22 29.68 -2.68
CA LEU A 299 -26.10 28.93 -3.56
C LEU A 299 -27.50 29.52 -3.40
N THR A 300 -28.43 29.15 -4.27
CA THR A 300 -29.78 29.72 -4.21
C THR A 300 -30.62 29.24 -3.05
N LYS A 301 -31.39 30.18 -2.49
CA LYS A 301 -32.27 29.90 -1.36
C LYS A 301 -33.61 29.36 -1.84
N LEU A 302 -34.23 28.54 -0.99
CA LEU A 302 -35.52 27.95 -1.31
C LEU A 302 -36.59 29.01 -1.53
N PRO A 303 -37.33 28.92 -2.66
CA PRO A 303 -38.40 29.86 -3.03
C PRO A 303 -39.67 29.70 -2.20
N GLN A 304 -40.56 30.68 -2.30
CA GLN A 304 -41.81 30.67 -1.55
C GLN A 304 -42.77 29.52 -1.86
N ASP A 305 -42.77 29.03 -3.10
CA ASP A 305 -43.67 27.92 -3.44
C ASP A 305 -43.25 26.63 -2.74
N PHE A 306 -41.95 26.52 -2.47
CA PHE A 306 -41.44 25.34 -1.79
C PHE A 306 -42.08 25.17 -0.42
N TRP A 307 -41.99 26.20 0.42
CA TRP A 307 -42.57 26.11 1.75
C TRP A 307 -44.11 26.01 1.73
N ASP A 308 -44.73 26.56 0.69
CA ASP A 308 -46.19 26.50 0.59
C ASP A 308 -46.69 25.16 0.09
N LYS A 309 -46.00 24.60 -0.90
CA LYS A 309 -46.45 23.36 -1.50
C LYS A 309 -45.80 22.08 -1.01
N SER A 310 -44.58 22.14 -0.49
CA SER A 310 -43.95 20.91 -0.06
C SER A 310 -44.68 20.22 1.08
N ILE A 311 -44.68 18.90 1.01
CA ILE A 311 -45.27 18.07 2.05
C ILE A 311 -44.02 17.54 2.72
N ILE A 312 -43.79 17.92 3.98
CA ILE A 312 -42.60 17.47 4.68
C ILE A 312 -42.84 16.60 5.92
N GLU A 313 -44.04 16.04 6.04
CA GLU A 313 -44.35 15.16 7.17
C GLU A 313 -45.52 14.30 6.74
N LYS A 314 -45.43 13.00 7.02
CA LYS A 314 -46.46 12.04 6.61
C LYS A 314 -47.87 12.44 6.98
N PRO A 315 -48.74 12.63 5.96
CA PRO A 315 -50.13 13.00 6.22
C PRO A 315 -50.71 12.15 7.34
N THR A 316 -51.58 12.74 8.13
CA THR A 316 -52.18 12.07 9.27
C THR A 316 -53.54 11.43 9.05
N ASP A 317 -54.11 11.58 7.86
CA ASP A 317 -55.41 10.96 7.57
C ASP A 317 -55.17 9.51 7.15
N GLY A 318 -56.25 8.76 6.97
CA GLY A 318 -56.11 7.37 6.58
C GLY A 318 -55.97 7.18 5.09
N ARG A 319 -55.39 8.19 4.44
CA ARG A 319 -55.23 8.10 3.00
C ARG A 319 -53.92 7.40 2.62
N ASP A 320 -53.91 6.85 1.41
CA ASP A 320 -52.73 6.18 0.88
C ASP A 320 -51.97 7.20 0.06
N LEU A 321 -50.65 7.04 0.03
CA LEU A 321 -49.80 7.93 -0.71
C LEU A 321 -48.50 7.20 -0.90
N VAL A 322 -47.63 7.73 -1.73
CA VAL A 322 -46.31 7.14 -1.94
C VAL A 322 -45.39 7.95 -1.02
N CYS A 323 -44.63 7.29 -0.16
CA CYS A 323 -43.78 8.10 0.67
C CYS A 323 -42.30 7.94 0.55
N HIS A 324 -41.84 7.42 -0.57
CA HIS A 324 -40.41 7.28 -0.78
C HIS A 324 -39.99 8.68 -1.21
N ALA A 325 -39.35 9.40 -0.30
CA ALA A 325 -38.91 10.77 -0.55
C ALA A 325 -38.56 11.08 -2.00
N SER A 326 -38.92 12.28 -2.43
CA SER A 326 -38.64 12.72 -3.79
C SER A 326 -38.77 14.25 -3.90
N ALA A 327 -38.14 14.80 -4.93
CA ALA A 327 -38.17 16.24 -5.20
C ALA A 327 -38.76 16.48 -6.59
N TRP A 328 -39.61 17.51 -6.72
CA TRP A 328 -40.28 17.80 -7.98
C TRP A 328 -40.00 19.13 -8.68
N ASP A 329 -39.73 19.04 -9.99
CA ASP A 329 -39.46 20.19 -10.84
C ASP A 329 -40.72 20.40 -11.72
N PHE A 330 -41.48 21.44 -11.41
CA PHE A 330 -42.70 21.73 -12.14
C PHE A 330 -42.49 22.54 -13.43
N TYR A 331 -41.22 22.66 -13.79
CA TYR A 331 -40.84 23.36 -15.01
C TYR A 331 -41.46 24.73 -15.28
N LEU A 332 -41.33 25.62 -14.31
CA LEU A 332 -41.83 26.97 -14.44
C LEU A 332 -40.70 27.76 -13.80
N ILE A 333 -41.06 28.79 -13.04
CA ILE A 333 -40.03 29.56 -12.37
C ILE A 333 -40.34 29.62 -10.89
N ASP A 334 -39.50 28.92 -10.12
CA ASP A 334 -39.56 28.82 -8.67
C ASP A 334 -40.62 27.90 -8.10
N ASP A 335 -41.15 27.01 -8.91
CA ASP A 335 -42.16 26.08 -8.41
C ASP A 335 -41.51 24.72 -8.28
N VAL A 336 -40.90 24.50 -7.13
CA VAL A 336 -40.21 23.26 -6.80
C VAL A 336 -40.77 22.81 -5.47
N ARG A 337 -40.98 21.50 -5.31
CA ARG A 337 -41.54 20.98 -4.07
C ARG A 337 -40.96 19.61 -3.75
N ILE A 338 -40.91 19.29 -2.47
CA ILE A 338 -40.40 18.01 -2.00
C ILE A 338 -41.53 17.34 -1.24
N LYS A 339 -41.53 16.01 -1.25
CA LYS A 339 -42.55 15.27 -0.54
C LYS A 339 -41.80 14.26 0.28
N GLN A 340 -41.85 14.39 1.59
CA GLN A 340 -41.12 13.47 2.41
C GLN A 340 -41.86 13.16 3.68
N CYS A 341 -41.83 11.89 4.06
CA CYS A 341 -42.45 11.44 5.29
C CYS A 341 -41.41 11.57 6.39
N THR A 342 -40.72 12.71 6.39
CA THR A 342 -39.66 13.00 7.34
C THR A 342 -39.88 12.60 8.78
N ARG A 343 -38.77 12.25 9.42
CA ARG A 343 -38.72 11.87 10.82
C ARG A 343 -37.43 12.48 11.37
N VAL A 344 -37.40 12.74 12.68
CA VAL A 344 -36.21 13.29 13.30
C VAL A 344 -35.26 12.15 13.66
N THR A 345 -34.25 11.96 12.82
CA THR A 345 -33.24 10.92 13.02
C THR A 345 -32.10 11.39 12.13
N GLN A 346 -30.88 10.96 12.43
CA GLN A 346 -29.72 11.37 11.65
C GLN A 346 -29.74 10.96 10.19
N ASP A 347 -30.32 9.81 9.86
CA ASP A 347 -30.36 9.37 8.48
C ASP A 347 -31.33 10.24 7.66
N GLN A 348 -32.44 10.63 8.28
CA GLN A 348 -33.41 11.48 7.61
C GLN A 348 -32.81 12.84 7.36
N LEU A 349 -31.93 13.29 8.26
CA LEU A 349 -31.28 14.60 8.11
C LEU A 349 -30.47 14.64 6.81
N PHE A 350 -29.72 13.59 6.52
CA PHE A 350 -28.95 13.52 5.28
C PHE A 350 -29.93 13.51 4.09
N THR A 351 -30.99 12.73 4.22
CA THR A 351 -32.00 12.64 3.18
C THR A 351 -32.54 14.02 2.79
N VAL A 352 -32.92 14.83 3.78
CA VAL A 352 -33.42 16.19 3.52
C VAL A 352 -32.42 16.86 2.59
N HIS A 353 -31.15 16.88 2.99
CA HIS A 353 -30.09 17.47 2.18
C HIS A 353 -30.02 16.79 0.81
N HIS A 354 -30.15 15.46 0.80
CA HIS A 354 -30.11 14.73 -0.47
C HIS A 354 -31.17 15.31 -1.39
N GLU A 355 -32.39 15.40 -0.86
CA GLU A 355 -33.48 15.95 -1.64
C GLU A 355 -33.24 17.39 -2.06
N LEU A 356 -32.74 18.22 -1.12
CA LEU A 356 -32.48 19.62 -1.45
C LEU A 356 -31.42 19.72 -2.54
N GLY A 357 -30.60 18.69 -2.66
CA GLY A 357 -29.58 18.68 -3.69
C GLY A 357 -30.30 18.67 -5.02
N HIS A 358 -31.42 17.96 -5.08
CA HIS A 358 -32.18 17.91 -6.31
C HIS A 358 -32.77 19.32 -6.53
N ILE A 359 -33.47 19.83 -5.52
CA ILE A 359 -34.07 21.16 -5.62
C ILE A 359 -33.07 22.19 -6.10
N GLN A 360 -31.87 22.15 -5.53
CA GLN A 360 -30.87 23.13 -5.91
C GLN A 360 -30.67 23.06 -7.39
N TYR A 361 -30.28 21.89 -7.86
CA TYR A 361 -30.04 21.66 -9.28
C TYR A 361 -31.21 22.27 -10.09
N PHE A 362 -32.44 22.00 -9.66
CA PHE A 362 -33.59 22.53 -10.36
C PHE A 362 -33.48 24.02 -10.53
N LEU A 363 -33.31 24.72 -9.41
CA LEU A 363 -33.18 26.17 -9.45
C LEU A 363 -31.99 26.60 -10.30
N GLN A 364 -30.87 25.91 -10.16
CA GLN A 364 -29.67 26.25 -10.93
C GLN A 364 -29.84 26.25 -12.45
N TYR A 365 -30.74 25.43 -13.00
CA TYR A 365 -30.88 25.43 -14.45
C TYR A 365 -32.25 25.79 -15.05
N GLN A 366 -33.05 26.54 -14.29
CA GLN A 366 -34.37 26.97 -14.77
C GLN A 366 -34.29 27.67 -16.13
N HIS A 367 -33.34 28.59 -16.26
CA HIS A 367 -33.15 29.36 -17.49
C HIS A 367 -32.91 28.52 -18.73
N GLN A 368 -32.37 27.32 -18.56
CA GLN A 368 -32.08 26.41 -19.66
C GLN A 368 -33.29 25.97 -20.46
N PRO A 369 -33.11 25.69 -21.76
CA PRO A 369 -34.25 25.27 -22.57
C PRO A 369 -34.73 23.91 -22.06
N PHE A 370 -36.01 23.83 -21.71
CA PHE A 370 -36.61 22.61 -21.19
C PHE A 370 -35.82 21.31 -21.42
N VAL A 371 -35.47 21.01 -22.68
CA VAL A 371 -34.76 19.77 -22.98
C VAL A 371 -33.52 19.62 -22.11
N TYR A 372 -32.83 20.73 -21.87
CA TYR A 372 -31.62 20.72 -21.05
C TYR A 372 -31.89 20.86 -19.56
N ARG A 373 -33.15 21.02 -19.16
CA ARG A 373 -33.44 21.15 -17.74
C ARG A 373 -33.53 19.79 -17.06
N THR A 374 -32.35 19.21 -16.84
CA THR A 374 -32.18 17.91 -16.20
C THR A 374 -30.76 17.94 -15.72
N GLY A 375 -30.25 16.81 -15.25
CA GLY A 375 -28.88 16.77 -14.78
C GLY A 375 -27.90 16.29 -15.82
N ALA A 376 -26.67 16.78 -15.74
CA ALA A 376 -25.67 16.35 -16.68
C ALA A 376 -25.42 14.93 -16.22
N ASN A 377 -25.86 13.93 -16.96
CA ASN A 377 -25.63 12.56 -16.49
C ASN A 377 -26.46 12.38 -15.20
N PRO A 378 -27.33 11.36 -15.16
CA PRO A 378 -28.18 11.09 -13.99
C PRO A 378 -27.41 11.01 -12.67
N GLY A 379 -26.14 10.65 -12.76
CA GLY A 379 -25.32 10.53 -11.56
C GLY A 379 -25.19 11.85 -10.82
N PHE A 380 -25.01 12.92 -11.58
CA PHE A 380 -24.84 14.24 -11.00
C PHE A 380 -26.02 14.70 -10.17
N HIS A 381 -27.22 14.28 -10.55
CA HIS A 381 -28.41 14.70 -9.82
C HIS A 381 -28.44 14.11 -8.43
N GLU A 382 -28.12 12.84 -8.31
CA GLU A 382 -28.13 12.18 -7.01
C GLU A 382 -26.92 12.52 -6.12
N ALA A 383 -25.95 13.27 -6.62
CA ALA A 383 -24.78 13.56 -5.77
C ALA A 383 -24.74 14.94 -5.07
N VAL A 384 -25.24 15.96 -5.72
CA VAL A 384 -25.21 17.29 -5.13
C VAL A 384 -25.46 17.28 -3.65
N GLY A 385 -26.70 16.99 -3.27
CA GLY A 385 -27.08 16.98 -1.86
C GLY A 385 -26.33 16.01 -0.98
N ASP A 386 -25.67 15.01 -1.55
CA ASP A 386 -24.94 14.07 -0.71
C ASP A 386 -23.60 14.65 -0.28
N VAL A 387 -23.06 15.54 -1.11
CA VAL A 387 -21.82 16.18 -0.81
C VAL A 387 -21.99 17.06 0.42
N LEU A 388 -23.11 17.76 0.52
CA LEU A 388 -23.31 18.60 1.69
C LEU A 388 -23.51 17.65 2.89
N SER A 389 -24.26 16.57 2.69
CA SER A 389 -24.49 15.61 3.78
C SER A 389 -23.18 15.09 4.38
N LEU A 390 -22.17 14.91 3.54
CA LEU A 390 -20.89 14.43 4.04
C LEU A 390 -20.34 15.45 5.07
N SER A 391 -20.41 16.74 4.74
CA SER A 391 -19.94 17.79 5.64
C SER A 391 -20.70 17.78 6.96
N VAL A 392 -22.02 17.66 6.88
CA VAL A 392 -22.91 17.64 8.05
C VAL A 392 -22.62 16.44 8.95
N SER A 393 -22.10 15.35 8.37
CA SER A 393 -21.82 14.16 9.13
C SER A 393 -20.52 14.20 9.96
N THR A 394 -19.68 15.18 9.69
CA THR A 394 -18.40 15.31 10.38
C THR A 394 -18.45 16.02 11.73
N PRO A 395 -17.74 15.43 12.73
CA PRO A 395 -17.62 15.93 14.11
C PRO A 395 -17.56 17.45 14.15
N LYS A 396 -16.77 18.02 13.23
CA LYS A 396 -16.62 19.45 13.13
C LYS A 396 -17.99 20.16 13.04
N HIS A 397 -18.72 19.90 11.95
CA HIS A 397 -20.04 20.54 11.73
C HIS A 397 -21.15 20.18 12.72
N LEU A 398 -21.07 18.98 13.29
CA LEU A 398 -22.09 18.57 14.25
C LEU A 398 -21.86 19.26 15.58
N GLU A 399 -20.60 19.58 15.89
CA GLU A 399 -20.35 20.25 17.15
C GLU A 399 -20.74 21.70 16.94
N LYS A 400 -20.32 22.28 15.83
CA LYS A 400 -20.63 23.66 15.52
C LYS A 400 -22.12 23.99 15.63
N ILE A 401 -23.00 23.01 15.40
CA ILE A 401 -24.43 23.29 15.51
C ILE A 401 -24.99 22.75 16.82
N GLY A 402 -24.08 22.30 17.68
CA GLY A 402 -24.46 21.79 18.99
C GLY A 402 -25.19 20.47 19.10
N LEU A 403 -25.02 19.60 18.11
CA LEU A 403 -25.69 18.30 18.13
C LEU A 403 -24.69 17.24 18.61
N LEU A 404 -23.58 17.71 19.11
CA LEU A 404 -22.49 16.87 19.62
C LEU A 404 -21.81 17.77 20.66
N LYS A 405 -22.26 17.68 21.92
CA LYS A 405 -21.72 18.53 22.99
C LYS A 405 -20.21 18.41 23.23
N ASP A 406 -19.79 17.45 24.03
CA ASP A 406 -18.36 17.27 24.27
C ASP A 406 -17.89 16.07 23.44
N TYR A 407 -16.90 16.33 22.58
CA TYR A 407 -16.37 15.31 21.69
C TYR A 407 -14.85 15.40 21.60
N VAL A 408 -14.19 14.24 21.69
CA VAL A 408 -12.73 14.17 21.58
C VAL A 408 -12.35 13.33 20.37
N ARG A 409 -11.52 13.88 19.49
CA ARG A 409 -11.08 13.17 18.30
C ARG A 409 -10.05 12.11 18.62
N ASP A 410 -10.30 11.36 19.70
CA ASP A 410 -9.42 10.29 20.15
C ASP A 410 -8.37 9.84 19.15
N ASP A 411 -8.84 9.02 18.22
CA ASP A 411 -8.03 8.41 17.19
C ASP A 411 -8.94 7.25 16.81
N GLU A 412 -9.36 6.53 17.84
CA GLU A 412 -10.25 5.41 17.64
C GLU A 412 -11.68 5.95 17.57
N ALA A 413 -11.80 7.28 17.71
CA ALA A 413 -13.08 7.94 17.60
C ALA A 413 -13.17 8.29 16.12
N ARG A 414 -12.00 8.47 15.52
CA ARG A 414 -11.93 8.80 14.10
C ARG A 414 -12.32 7.56 13.31
N ILE A 415 -11.87 6.40 13.79
CA ILE A 415 -12.15 5.13 13.15
C ILE A 415 -13.66 4.93 13.03
N ASN A 416 -14.40 5.37 14.04
CA ASN A 416 -15.86 5.26 14.04
C ASN A 416 -16.44 6.19 12.99
N GLN A 417 -15.90 7.40 12.94
CA GLN A 417 -16.38 8.41 12.00
C GLN A 417 -16.24 7.99 10.54
N LEU A 418 -15.34 7.05 10.27
CA LEU A 418 -15.13 6.56 8.91
C LEU A 418 -15.90 5.25 8.75
N PHE A 419 -15.95 4.49 9.83
CA PHE A 419 -16.64 3.20 9.83
C PHE A 419 -18.15 3.36 9.70
N LEU A 420 -18.69 4.35 10.40
CA LEU A 420 -20.13 4.61 10.37
C LEU A 420 -20.50 5.07 8.96
N THR A 421 -19.52 5.65 8.27
CA THR A 421 -19.70 6.15 6.90
C THR A 421 -19.55 5.03 5.89
N ALA A 422 -18.70 4.05 6.22
CA ALA A 422 -18.44 2.93 5.34
C ALA A 422 -19.66 2.04 5.17
N LEU A 423 -20.51 1.98 6.20
CA LEU A 423 -21.70 1.16 6.17
C LEU A 423 -22.77 1.69 5.20
N ASP A 424 -22.67 2.98 4.86
CA ASP A 424 -23.65 3.58 3.95
C ASP A 424 -23.08 3.84 2.56
N LYS A 425 -21.81 4.20 2.53
CA LYS A 425 -21.10 4.53 1.27
C LYS A 425 -20.33 3.41 0.55
N ILE A 426 -19.54 2.63 1.27
CA ILE A 426 -18.78 1.56 0.63
C ILE A 426 -19.73 0.41 0.34
N VAL A 427 -20.40 -0.02 1.40
CA VAL A 427 -21.37 -1.09 1.39
C VAL A 427 -22.42 -0.99 0.29
N PHE A 428 -22.79 0.23 -0.04
CA PHE A 428 -23.80 0.54 -1.04
C PHE A 428 -23.34 0.28 -2.48
N LEU A 429 -22.07 0.53 -2.73
CA LEU A 429 -21.48 0.39 -4.07
C LEU A 429 -21.88 -0.89 -4.80
N PRO A 430 -21.71 -2.05 -4.16
CA PRO A 430 -22.08 -3.31 -4.80
C PRO A 430 -23.58 -3.59 -4.84
N PHE A 431 -24.33 -2.99 -3.92
CA PHE A 431 -25.79 -3.19 -3.90
C PHE A 431 -26.43 -2.57 -5.13
N ALA A 432 -26.07 -1.31 -5.37
CA ALA A 432 -26.62 -0.53 -6.46
C ALA A 432 -26.17 -1.06 -7.80
N PHE A 433 -24.98 -1.66 -7.81
CA PHE A 433 -24.45 -2.21 -9.04
C PHE A 433 -25.33 -3.43 -9.40
N THR A 434 -25.62 -4.29 -8.43
CA THR A 434 -26.43 -5.47 -8.70
C THR A 434 -27.84 -5.16 -9.12
N MET A 435 -28.38 -4.08 -8.58
CA MET A 435 -29.74 -3.67 -8.93
C MET A 435 -29.91 -3.55 -10.44
N ASP A 436 -28.99 -2.85 -11.12
CA ASP A 436 -29.14 -2.69 -12.55
C ASP A 436 -28.50 -3.82 -13.36
N LYS A 437 -27.49 -4.46 -12.81
CA LYS A 437 -26.89 -5.57 -13.53
C LYS A 437 -28.02 -6.60 -13.72
N TYR A 438 -28.85 -6.75 -12.69
CA TYR A 438 -29.98 -7.68 -12.73
C TYR A 438 -31.05 -7.29 -13.75
N ARG A 439 -31.40 -6.01 -13.78
CA ARG A 439 -32.41 -5.53 -14.70
C ARG A 439 -31.84 -5.39 -16.11
N TRP A 440 -30.52 -5.38 -16.20
CA TRP A 440 -29.89 -5.27 -17.52
C TRP A 440 -29.97 -6.66 -18.13
N SER A 441 -29.64 -7.66 -17.33
CA SER A 441 -29.67 -9.04 -17.80
C SER A 441 -31.07 -9.46 -18.23
N LEU A 442 -32.09 -8.80 -17.69
CA LEU A 442 -33.46 -9.09 -18.07
C LEU A 442 -33.77 -8.37 -19.37
N PHE A 443 -33.49 -7.07 -19.42
CA PHE A 443 -33.72 -6.27 -20.62
C PHE A 443 -33.03 -6.94 -21.81
N ARG A 444 -31.85 -7.46 -21.56
CA ARG A 444 -31.11 -8.20 -22.56
C ARG A 444 -31.74 -9.56 -22.31
N GLY A 445 -31.88 -10.39 -23.33
CA GLY A 445 -32.52 -11.68 -23.08
C GLY A 445 -31.65 -12.73 -22.41
N GLU A 446 -30.68 -12.29 -21.62
CA GLU A 446 -29.76 -13.22 -20.97
C GLU A 446 -30.30 -14.24 -19.97
N VAL A 447 -31.46 -14.00 -19.36
CA VAL A 447 -31.98 -14.96 -18.39
C VAL A 447 -33.31 -15.59 -18.82
N ASP A 448 -33.52 -16.82 -18.37
CA ASP A 448 -34.74 -17.56 -18.66
C ASP A 448 -35.76 -17.27 -17.58
N LYS A 449 -36.99 -16.92 -17.98
CA LYS A 449 -38.04 -16.61 -17.04
C LYS A 449 -38.13 -17.63 -15.91
N ALA A 450 -37.73 -18.87 -16.18
CA ALA A 450 -37.76 -19.92 -15.18
C ALA A 450 -36.67 -19.74 -14.09
N ASN A 451 -35.77 -18.77 -14.29
CA ASN A 451 -34.70 -18.55 -13.35
C ASN A 451 -34.61 -17.11 -12.88
N TRP A 452 -35.64 -16.33 -13.23
CA TRP A 452 -35.68 -14.92 -12.89
C TRP A 452 -35.44 -14.57 -11.45
N ASN A 453 -35.94 -15.36 -10.51
CA ASN A 453 -35.74 -15.02 -9.11
C ASN A 453 -34.41 -15.43 -8.48
N CYS A 454 -33.72 -16.40 -9.07
CA CYS A 454 -32.44 -16.82 -8.53
C CYS A 454 -31.30 -15.99 -9.06
N ALA A 455 -31.41 -15.59 -10.32
CA ALA A 455 -30.36 -14.75 -10.93
C ALA A 455 -30.21 -13.53 -10.04
N PHE A 456 -31.32 -13.01 -9.55
CA PHE A 456 -31.28 -11.84 -8.67
C PHE A 456 -30.47 -12.15 -7.40
N TRP A 457 -30.81 -13.25 -6.73
CA TRP A 457 -30.12 -13.65 -5.50
C TRP A 457 -28.68 -14.13 -5.67
N LYS A 458 -28.39 -14.77 -6.80
CA LYS A 458 -27.03 -15.24 -7.06
C LYS A 458 -26.20 -13.98 -7.22
N LEU A 459 -26.85 -12.97 -7.78
CA LEU A 459 -26.22 -11.69 -8.04
C LEU A 459 -26.00 -10.91 -6.75
N ARG A 460 -26.87 -11.12 -5.75
CA ARG A 460 -26.74 -10.43 -4.47
C ARG A 460 -25.65 -11.17 -3.70
N ASP A 461 -25.55 -12.45 -4.04
CA ASP A 461 -24.56 -13.29 -3.43
C ASP A 461 -23.19 -12.91 -3.97
N GLU A 462 -22.96 -13.05 -5.29
CA GLU A 462 -21.65 -12.73 -5.89
C GLU A 462 -21.00 -11.41 -5.49
N TYR A 463 -21.77 -10.34 -5.56
CA TYR A 463 -21.25 -9.01 -5.28
C TYR A 463 -21.34 -8.52 -3.86
N SER A 464 -22.38 -8.92 -3.13
CA SER A 464 -22.54 -8.44 -1.76
C SER A 464 -22.25 -9.39 -0.63
N GLY A 465 -22.36 -10.70 -0.88
CA GLY A 465 -22.10 -11.64 0.19
C GLY A 465 -23.26 -11.73 1.17
N ILE A 466 -24.44 -11.34 0.70
CA ILE A 466 -25.66 -11.34 1.50
C ILE A 466 -26.67 -12.37 0.98
N GLU A 467 -27.58 -12.85 1.86
CA GLU A 467 -28.62 -13.81 1.48
C GLU A 467 -29.91 -13.62 2.27
N PRO A 468 -31.04 -14.09 1.72
CA PRO A 468 -32.33 -13.96 2.42
C PRO A 468 -32.37 -14.72 3.74
N PRO A 469 -33.27 -14.31 4.66
CA PRO A 469 -33.47 -14.90 5.99
C PRO A 469 -33.91 -16.36 5.89
N VAL A 470 -34.76 -16.62 4.90
CA VAL A 470 -35.31 -17.94 4.67
C VAL A 470 -35.15 -18.36 3.22
N VAL A 471 -35.29 -19.66 2.93
CA VAL A 471 -35.14 -20.14 1.56
C VAL A 471 -36.24 -19.56 0.66
N ARG A 472 -35.87 -19.10 -0.53
CA ARG A 472 -36.85 -18.58 -1.49
C ARG A 472 -36.73 -19.54 -2.69
N SER A 473 -37.64 -19.44 -3.65
CA SER A 473 -37.59 -20.30 -4.81
C SER A 473 -38.10 -19.52 -5.99
N GLU A 474 -38.09 -20.14 -7.17
CA GLU A 474 -38.56 -19.47 -8.38
C GLU A 474 -40.06 -19.21 -8.24
N LYS A 475 -40.63 -19.73 -7.15
CA LYS A 475 -42.04 -19.52 -6.87
C LYS A 475 -42.16 -18.08 -6.36
N ASP A 476 -41.13 -17.57 -5.70
CA ASP A 476 -41.19 -16.20 -5.22
C ASP A 476 -40.53 -15.29 -6.24
N PHE A 477 -40.73 -14.00 -6.07
CA PHE A 477 -40.13 -12.99 -6.94
C PHE A 477 -39.86 -11.79 -6.04
N ASP A 478 -38.61 -11.69 -5.57
CA ASP A 478 -38.21 -10.64 -4.65
C ASP A 478 -37.73 -9.27 -5.16
N ALA A 479 -37.17 -9.21 -6.36
CA ALA A 479 -36.71 -7.92 -6.89
C ALA A 479 -37.63 -6.71 -6.70
N PRO A 480 -38.96 -6.90 -6.82
CA PRO A 480 -39.90 -5.78 -6.64
C PRO A 480 -40.09 -5.23 -5.22
N ALA A 481 -39.43 -5.83 -4.24
CA ALA A 481 -39.54 -5.38 -2.86
C ALA A 481 -38.74 -4.09 -2.73
N LYS A 482 -38.00 -3.79 -3.78
CA LYS A 482 -37.18 -2.60 -3.86
C LYS A 482 -37.95 -1.56 -4.67
N TYR A 483 -38.40 -0.53 -3.97
CA TYR A 483 -39.15 0.56 -4.55
C TYR A 483 -38.84 0.83 -6.00
N HIS A 484 -37.57 1.14 -6.29
CA HIS A 484 -37.13 1.46 -7.64
C HIS A 484 -37.39 0.36 -8.67
N ILE A 485 -37.48 -0.88 -8.25
CA ILE A 485 -37.74 -1.93 -9.24
C ILE A 485 -39.23 -1.82 -9.58
N SER A 486 -40.05 -1.55 -8.57
CA SER A 486 -41.48 -1.40 -8.70
C SER A 486 -41.91 -0.14 -9.44
N ALA A 487 -41.23 0.97 -9.17
CA ALA A 487 -41.54 2.25 -9.79
C ALA A 487 -40.77 2.55 -11.07
N ASP A 488 -40.07 1.54 -11.57
CA ASP A 488 -39.29 1.70 -12.79
C ASP A 488 -38.34 2.91 -12.72
N VAL A 489 -37.39 2.90 -11.79
CA VAL A 489 -36.44 4.00 -11.69
C VAL A 489 -35.01 3.45 -11.75
N GLU A 490 -34.32 3.82 -12.82
CA GLU A 490 -32.94 3.38 -13.04
C GLU A 490 -32.13 3.57 -11.75
N TYR A 491 -31.30 2.60 -11.43
CA TYR A 491 -30.52 2.58 -10.19
C TYR A 491 -29.01 2.87 -10.31
N LEU A 492 -28.45 2.76 -11.51
CA LEU A 492 -27.02 3.01 -11.71
C LEU A 492 -26.66 4.43 -11.30
N ARG A 493 -27.67 5.32 -11.32
CA ARG A 493 -27.45 6.70 -10.94
C ARG A 493 -26.91 6.80 -9.53
N TYR A 494 -27.23 5.83 -8.68
CA TYR A 494 -26.76 5.89 -7.31
C TYR A 494 -25.33 5.45 -7.19
N LEU A 495 -24.99 4.37 -7.90
CA LEU A 495 -23.63 3.87 -7.88
C LEU A 495 -22.72 5.01 -8.31
N VAL A 496 -23.02 5.60 -9.47
CA VAL A 496 -22.21 6.69 -10.00
C VAL A 496 -22.14 7.85 -9.00
N SER A 497 -23.24 8.13 -8.30
CA SER A 497 -23.24 9.20 -7.32
C SER A 497 -22.27 8.92 -6.16
N PHE A 498 -22.41 7.77 -5.52
CA PHE A 498 -21.53 7.45 -4.41
C PHE A 498 -20.03 7.52 -4.75
N ILE A 499 -19.70 7.46 -6.03
CA ILE A 499 -18.31 7.52 -6.45
C ILE A 499 -17.87 8.96 -6.67
N ILE A 500 -18.51 9.62 -7.62
CA ILE A 500 -18.14 10.98 -7.93
C ILE A 500 -18.51 12.02 -6.85
N GLN A 501 -19.44 11.70 -5.95
CA GLN A 501 -19.80 12.69 -4.95
C GLN A 501 -18.60 12.97 -4.08
N PHE A 502 -17.67 12.00 -4.06
CA PHE A 502 -16.47 12.15 -3.29
C PHE A 502 -15.53 13.01 -4.11
N GLN A 503 -15.59 12.86 -5.44
CA GLN A 503 -14.75 13.68 -6.31
C GLN A 503 -15.13 15.16 -6.10
N PHE A 504 -16.42 15.43 -5.96
CA PHE A 504 -16.90 16.78 -5.76
C PHE A 504 -16.42 17.26 -4.39
N TYR A 505 -16.74 16.48 -3.36
CA TYR A 505 -16.38 16.78 -1.99
C TYR A 505 -14.89 17.10 -1.81
N LYS A 506 -14.04 16.26 -2.38
CA LYS A 506 -12.60 16.48 -2.27
C LYS A 506 -12.16 17.80 -2.91
N SER A 507 -12.82 18.19 -4.00
CA SER A 507 -12.44 19.44 -4.64
C SER A 507 -13.00 20.64 -3.88
N ALA A 508 -14.24 20.51 -3.42
CA ALA A 508 -14.90 21.58 -2.68
C ALA A 508 -14.06 21.93 -1.46
N CYS A 509 -13.75 20.91 -0.67
CA CYS A 509 -12.94 21.09 0.52
C CYS A 509 -11.59 21.75 0.22
N ILE A 510 -11.01 21.45 -0.93
CA ILE A 510 -9.74 22.03 -1.34
C ILE A 510 -9.93 23.51 -1.73
N LYS A 511 -10.98 23.81 -2.49
CA LYS A 511 -11.26 25.19 -2.89
C LYS A 511 -11.59 25.93 -1.60
N ALA A 512 -12.14 25.21 -0.64
CA ALA A 512 -12.45 25.80 0.66
C ALA A 512 -11.13 25.58 1.44
N GLY A 513 -10.88 26.36 2.49
CA GLY A 513 -9.61 26.15 3.18
C GLY A 513 -9.63 24.99 4.17
N GLN A 514 -10.31 23.91 3.80
CA GLN A 514 -10.47 22.76 4.69
C GLN A 514 -9.66 21.50 4.43
N TYR A 515 -9.20 21.26 3.20
CA TYR A 515 -8.43 20.05 2.95
C TYR A 515 -7.05 20.23 2.31
N ASP A 516 -6.05 19.68 2.98
CA ASP A 516 -4.67 19.72 2.53
C ASP A 516 -4.09 18.32 2.57
N PRO A 517 -3.75 17.78 1.39
CA PRO A 517 -3.19 16.43 1.35
C PRO A 517 -1.85 16.34 2.07
N ASP A 518 -1.01 17.35 1.89
CA ASP A 518 0.31 17.35 2.52
C ASP A 518 0.24 17.08 4.02
N ASN A 519 0.01 18.14 4.79
CA ASN A 519 -0.05 18.04 6.26
C ASN A 519 -1.38 17.59 6.84
N VAL A 520 -1.36 17.27 8.12
CA VAL A 520 -2.55 16.81 8.82
C VAL A 520 -3.28 17.98 9.46
N GLU A 521 -4.10 17.67 10.47
CA GLU A 521 -4.90 18.65 11.20
C GLU A 521 -5.98 19.20 10.28
N LEU A 522 -5.94 18.72 9.03
CA LEU A 522 -6.92 19.08 8.00
C LEU A 522 -7.15 17.82 7.16
N PRO A 523 -7.73 16.77 7.78
CA PRO A 523 -8.01 15.51 7.10
C PRO A 523 -9.33 15.55 6.34
N LEU A 524 -9.36 14.91 5.18
CA LEU A 524 -10.55 14.87 4.34
C LEU A 524 -11.85 14.57 5.09
N ASP A 525 -11.80 13.60 6.01
CA ASP A 525 -12.99 13.25 6.73
C ASP A 525 -13.42 14.25 7.79
N ASN A 526 -12.89 15.47 7.69
CA ASN A 526 -13.28 16.49 8.67
C ASN A 526 -13.44 17.91 8.15
N CYS A 527 -13.69 18.07 6.85
CA CYS A 527 -13.93 19.41 6.35
C CYS A 527 -15.43 19.65 6.38
N ASP A 528 -15.83 20.91 6.35
CA ASP A 528 -17.25 21.20 6.42
C ASP A 528 -17.81 22.02 5.25
N ILE A 529 -16.94 22.61 4.43
CA ILE A 529 -17.37 23.43 3.30
C ILE A 529 -18.57 24.31 3.58
N TYR A 530 -19.12 24.23 4.79
CA TYR A 530 -20.26 25.06 5.16
C TYR A 530 -19.78 26.50 5.10
N GLY A 531 -20.61 27.38 4.56
CA GLY A 531 -20.24 28.77 4.44
C GLY A 531 -19.13 29.07 3.44
N SER A 532 -18.75 28.08 2.62
CA SER A 532 -17.69 28.26 1.62
C SER A 532 -18.22 28.82 0.29
N ALA A 533 -17.74 29.98 -0.10
CA ALA A 533 -18.17 30.64 -1.33
C ALA A 533 -17.55 30.07 -2.60
N ARG A 534 -16.26 29.73 -2.54
CA ARG A 534 -15.53 29.16 -3.67
C ARG A 534 -16.13 27.78 -3.97
N ALA A 535 -16.68 27.15 -2.95
CA ALA A 535 -17.29 25.84 -3.09
C ALA A 535 -18.57 26.00 -3.89
N GLY A 536 -19.49 26.81 -3.36
CA GLY A 536 -20.74 27.02 -4.07
C GLY A 536 -20.49 27.54 -5.47
N ALA A 537 -19.38 28.27 -5.64
CA ALA A 537 -19.02 28.85 -6.93
C ALA A 537 -18.80 27.73 -7.92
N ALA A 538 -17.98 26.76 -7.52
CA ALA A 538 -17.69 25.62 -8.36
C ALA A 538 -19.03 24.93 -8.63
N PHE A 539 -19.82 24.78 -7.56
CA PHE A 539 -21.14 24.16 -7.64
C PHE A 539 -22.10 24.93 -8.56
N HIS A 540 -21.81 26.20 -8.82
CA HIS A 540 -22.68 26.98 -9.70
C HIS A 540 -22.31 26.83 -11.16
N ASN A 541 -21.02 26.77 -11.45
CA ASN A 541 -20.56 26.62 -12.81
C ASN A 541 -21.06 25.29 -13.37
N MET A 542 -21.08 24.28 -12.51
CA MET A 542 -21.51 22.95 -12.90
C MET A 542 -23.03 22.78 -12.98
N LEU A 543 -23.74 23.19 -11.94
CA LEU A 543 -25.19 23.05 -11.91
C LEU A 543 -25.94 23.84 -12.97
N SER A 544 -25.55 25.08 -13.17
CA SER A 544 -26.19 25.96 -14.13
C SER A 544 -26.20 25.43 -15.57
N MET A 545 -25.27 24.53 -15.89
CA MET A 545 -25.20 23.99 -17.26
C MET A 545 -26.33 23.06 -17.66
N GLY A 546 -26.83 22.31 -16.69
CA GLY A 546 -27.91 21.35 -16.91
C GLY A 546 -28.03 20.66 -18.26
N ALA A 547 -27.37 19.53 -18.42
CA ALA A 547 -27.50 18.80 -19.69
C ALA A 547 -27.09 19.51 -20.97
N SER A 548 -26.76 20.79 -20.88
CA SER A 548 -26.39 21.51 -22.10
C SER A 548 -25.12 20.96 -22.73
N LYS A 549 -24.43 20.10 -22.02
CA LYS A 549 -23.16 19.53 -22.52
C LYS A 549 -22.96 18.17 -21.91
N PRO A 550 -22.26 17.27 -22.63
CA PRO A 550 -22.05 15.96 -22.02
C PRO A 550 -21.39 16.18 -20.65
N TRP A 551 -21.58 15.22 -19.74
CA TRP A 551 -21.08 15.36 -18.38
C TRP A 551 -19.59 15.62 -18.18
N PRO A 552 -18.72 15.11 -19.08
CA PRO A 552 -17.29 15.39 -18.88
C PRO A 552 -17.05 16.89 -18.79
N ASP A 553 -17.90 17.64 -19.50
CA ASP A 553 -17.83 19.09 -19.54
C ASP A 553 -18.39 19.73 -18.27
N ALA A 554 -19.42 19.12 -17.67
CA ALA A 554 -20.00 19.68 -16.47
C ALA A 554 -19.01 19.57 -15.33
N LEU A 555 -18.37 18.41 -15.23
CA LEU A 555 -17.41 18.15 -14.18
C LEU A 555 -16.23 19.09 -14.33
N GLU A 556 -15.74 19.21 -15.56
CA GLU A 556 -14.58 20.05 -15.84
C GLU A 556 -14.83 21.50 -15.43
N ALA A 557 -16.11 21.86 -15.35
CA ALA A 557 -16.52 23.20 -14.96
C ALA A 557 -16.44 23.29 -13.44
N PHE A 558 -16.48 22.11 -12.80
CA PHE A 558 -16.38 22.03 -11.35
C PHE A 558 -14.93 22.11 -10.90
N ASN A 559 -14.07 21.20 -11.37
CA ASN A 559 -12.66 21.22 -10.97
C ASN A 559 -11.56 21.05 -12.04
N GLY A 560 -11.88 21.23 -13.32
CA GLY A 560 -10.86 21.09 -14.34
C GLY A 560 -10.58 19.66 -14.80
N GLU A 561 -11.21 18.68 -14.15
CA GLU A 561 -11.03 17.28 -14.51
C GLU A 561 -12.16 16.83 -15.44
N ARG A 562 -11.95 15.74 -16.17
CA ARG A 562 -12.99 15.26 -17.06
C ARG A 562 -13.19 13.74 -17.00
N ILE A 563 -12.72 13.11 -15.93
CA ILE A 563 -12.86 11.68 -15.77
C ILE A 563 -13.41 11.26 -14.41
N MET A 564 -14.17 10.17 -14.43
CA MET A 564 -14.79 9.58 -13.25
C MET A 564 -13.78 8.59 -12.72
N SER A 565 -13.50 8.63 -11.42
CA SER A 565 -12.53 7.72 -10.85
C SER A 565 -12.74 7.32 -9.38
N GLY A 566 -12.00 6.31 -8.95
CA GLY A 566 -12.10 5.84 -7.58
C GLY A 566 -11.19 6.61 -6.64
N LYS A 567 -10.46 7.58 -7.19
CA LYS A 567 -9.55 8.39 -6.39
C LYS A 567 -10.35 9.42 -5.61
N ALA A 568 -11.06 8.96 -4.59
CA ALA A 568 -11.88 9.85 -3.76
C ALA A 568 -12.43 9.12 -2.54
N ILE A 569 -13.03 7.96 -2.78
CA ILE A 569 -13.60 7.14 -1.70
C ILE A 569 -12.43 6.48 -0.97
N ALA A 570 -11.59 5.80 -1.74
CA ALA A 570 -10.43 5.09 -1.22
C ALA A 570 -9.52 6.01 -0.41
N GLU A 571 -9.24 7.20 -0.95
CA GLU A 571 -8.39 8.18 -0.27
C GLU A 571 -9.07 8.64 1.02
N TYR A 572 -10.39 8.66 0.98
CA TYR A 572 -11.22 9.08 2.09
C TYR A 572 -11.28 8.02 3.19
N PHE A 573 -11.33 6.76 2.78
CA PHE A 573 -11.43 5.61 3.69
C PHE A 573 -10.12 4.87 3.89
N GLU A 574 -9.02 5.49 3.45
CA GLU A 574 -7.72 4.89 3.59
C GLU A 574 -7.41 4.51 5.05
N PRO A 575 -7.58 5.46 5.99
CA PRO A 575 -7.30 5.13 7.38
C PRO A 575 -8.19 4.02 7.93
N LEU A 576 -9.36 3.82 7.35
CA LEU A 576 -10.23 2.75 7.84
C LEU A 576 -9.65 1.43 7.30
N ARG A 577 -9.49 1.36 5.99
CA ARG A 577 -8.99 0.16 5.35
C ARG A 577 -7.75 -0.41 6.05
N VAL A 578 -6.84 0.46 6.47
CA VAL A 578 -5.63 -0.01 7.14
C VAL A 578 -5.95 -0.49 8.55
N TRP A 579 -6.84 0.20 9.25
CA TRP A 579 -7.22 -0.19 10.61
C TRP A 579 -7.84 -1.59 10.63
N LEU A 580 -8.57 -1.93 9.57
CA LEU A 580 -9.25 -3.22 9.47
C LEU A 580 -8.34 -4.42 9.26
N GLU A 581 -7.52 -4.38 8.21
CA GLU A 581 -6.61 -5.48 7.90
C GLU A 581 -5.96 -6.01 9.17
N ALA A 582 -5.45 -5.08 9.97
CA ALA A 582 -4.79 -5.42 11.23
C ALA A 582 -5.82 -6.06 12.14
N GLU A 583 -6.89 -5.33 12.42
CA GLU A 583 -7.97 -5.84 13.29
C GLU A 583 -8.51 -7.21 12.89
N ASN A 584 -8.66 -7.46 11.58
CA ASN A 584 -9.18 -8.74 11.11
C ASN A 584 -8.23 -9.91 11.35
N ILE A 585 -6.93 -9.62 11.45
CA ILE A 585 -5.92 -10.63 11.72
C ILE A 585 -5.86 -10.85 13.22
N LYS A 586 -6.06 -9.77 13.97
CA LYS A 586 -6.05 -9.79 15.43
C LYS A 586 -7.18 -10.62 16.01
N ASN A 587 -8.33 -10.58 15.35
CA ASN A 587 -9.51 -11.33 15.79
C ASN A 587 -9.65 -12.59 15.01
N ASN A 588 -8.76 -12.78 14.04
CA ASN A 588 -8.82 -13.99 13.25
C ASN A 588 -10.18 -13.96 12.56
N VAL A 589 -10.41 -12.97 11.72
CA VAL A 589 -11.68 -12.81 11.03
C VAL A 589 -11.67 -13.38 9.62
N HIS A 590 -12.67 -14.20 9.32
CA HIS A 590 -12.79 -14.84 8.01
C HIS A 590 -13.19 -13.85 6.90
N ILE A 591 -12.45 -13.85 5.79
CA ILE A 591 -12.73 -12.97 4.67
C ILE A 591 -13.23 -13.80 3.48
N GLY A 592 -14.23 -13.29 2.77
CA GLY A 592 -14.77 -14.00 1.62
C GLY A 592 -15.87 -14.90 2.10
N TRP A 593 -16.64 -15.47 1.17
CA TRP A 593 -17.74 -16.33 1.57
C TRP A 593 -18.05 -17.37 0.51
N ILE A 594 -18.68 -18.47 0.93
CA ILE A 594 -19.06 -19.57 0.03
C ILE A 594 -20.45 -19.32 -0.55
N THR A 595 -20.70 -19.79 -1.76
CA THR A 595 -21.99 -19.55 -2.38
C THR A 595 -23.16 -19.92 -1.47
N SER A 596 -24.29 -19.27 -1.73
CA SER A 596 -25.52 -19.43 -0.96
C SER A 596 -26.40 -20.62 -1.34
N ASN A 597 -27.15 -21.10 -0.35
CA ASN A 597 -28.07 -22.21 -0.50
C ASN A 597 -29.52 -21.74 -0.23
N LYS A 598 -29.81 -20.46 -0.46
CA LYS A 598 -31.15 -19.91 -0.20
C LYS A 598 -32.07 -19.80 -1.42
N CYS A 599 -31.56 -20.09 -2.61
CA CYS A 599 -32.38 -20.06 -3.83
C CYS A 599 -32.57 -21.51 -4.30
N VAL A 600 -33.79 -22.01 -4.25
CA VAL A 600 -34.04 -23.37 -4.68
C VAL A 600 -35.40 -23.44 -5.38
N SER A 601 -36.21 -24.41 -4.94
CA SER A 601 -37.57 -24.64 -5.44
C SER A 601 -38.33 -25.65 -4.57
N SER A 602 -39.46 -25.21 -4.06
CA SER A 602 -40.37 -26.02 -3.23
C SER A 602 -39.85 -26.61 -1.91
N HIS A 603 -40.36 -27.80 -1.63
CA HIS A 603 -40.07 -28.61 -0.44
C HIS A 603 -40.91 -28.37 0.80
N HIS A 604 -41.82 -29.31 1.03
CA HIS A 604 -42.75 -29.26 2.13
C HIS A 604 -42.79 -30.55 2.90
N HIS A 605 -43.28 -30.44 4.14
CA HIS A 605 -43.42 -31.59 5.02
C HIS A 605 -44.89 -31.93 5.29
N HIS A 606 -45.79 -31.71 4.32
CA HIS A 606 -47.20 -32.07 4.55
C HIS A 606 -47.55 -33.30 3.71
N HIS A 607 -47.58 -34.47 4.37
CA HIS A 607 -47.87 -35.77 3.78
C HIS A 607 -49.17 -36.35 4.37
N ILE B 10 -4.55 -16.17 27.87
CA ILE B 10 -5.09 -16.47 26.50
C ILE B 10 -3.93 -16.79 25.57
N GLN B 11 -4.24 -17.45 24.45
CA GLN B 11 -3.21 -17.82 23.47
C GLN B 11 -3.10 -16.88 22.27
N ALA B 12 -1.93 -16.29 22.14
CA ALA B 12 -1.65 -15.38 21.04
C ALA B 12 -0.84 -16.14 20.01
N LYS B 13 -0.48 -17.39 20.32
CA LYS B 13 0.28 -18.22 19.38
C LYS B 13 -0.49 -18.24 18.06
N GLU B 14 -1.81 -18.18 18.16
CA GLU B 14 -2.66 -18.16 16.98
C GLU B 14 -2.53 -16.78 16.34
N TYR B 15 -2.53 -15.76 17.17
CA TYR B 15 -2.39 -14.41 16.65
C TYR B 15 -1.09 -14.29 15.87
N LEU B 16 0.03 -14.49 16.57
CA LEU B 16 1.37 -14.37 16.00
C LEU B 16 1.55 -15.18 14.73
N GLU B 17 1.06 -16.41 14.74
CA GLU B 17 1.19 -17.26 13.57
C GLU B 17 0.49 -16.60 12.40
N ASN B 18 -0.72 -16.11 12.65
CA ASN B 18 -1.52 -15.45 11.63
C ASN B 18 -0.82 -14.20 11.13
N LEU B 19 -0.31 -13.40 12.08
CA LEU B 19 0.38 -12.16 11.80
C LEU B 19 1.70 -12.29 11.05
N ASN B 20 2.53 -13.27 11.44
CA ASN B 20 3.81 -13.48 10.76
C ASN B 20 3.53 -13.82 9.32
N LYS B 21 2.58 -14.72 9.11
CA LYS B 21 2.22 -15.16 7.76
C LYS B 21 1.81 -13.99 6.89
N GLU B 22 1.22 -12.96 7.48
CA GLU B 22 0.78 -11.78 6.74
C GLU B 22 1.98 -10.91 6.47
N LEU B 23 2.76 -10.68 7.52
CA LEU B 23 3.95 -9.86 7.39
C LEU B 23 4.85 -10.41 6.29
N ALA B 24 4.97 -11.74 6.23
CA ALA B 24 5.81 -12.38 5.22
C ALA B 24 5.19 -12.22 3.85
N LYS B 25 3.88 -12.07 3.83
CA LYS B 25 3.17 -11.88 2.58
C LYS B 25 3.42 -10.43 2.19
N ARG B 26 3.16 -9.51 3.13
CA ARG B 26 3.32 -8.09 2.87
C ARG B 26 4.74 -7.62 2.65
N THR B 27 5.72 -8.37 3.13
CA THR B 27 7.10 -7.96 2.95
C THR B 27 7.52 -8.44 1.58
N ASN B 28 6.90 -9.52 1.12
CA ASN B 28 7.19 -10.05 -0.21
C ASN B 28 6.96 -8.91 -1.19
N VAL B 29 5.79 -8.28 -1.14
CA VAL B 29 5.48 -7.16 -2.02
C VAL B 29 6.59 -6.10 -1.99
N GLU B 30 6.95 -5.64 -0.78
CA GLU B 30 8.00 -4.63 -0.62
C GLU B 30 9.32 -5.08 -1.23
N THR B 31 9.63 -6.34 -1.05
CA THR B 31 10.87 -6.88 -1.58
C THR B 31 10.96 -6.88 -3.11
N GLU B 32 9.86 -7.12 -3.81
CA GLU B 32 9.84 -7.11 -5.28
C GLU B 32 10.05 -5.68 -5.82
N ALA B 33 9.59 -4.68 -5.08
CA ALA B 33 9.77 -3.30 -5.54
C ALA B 33 11.20 -2.86 -5.23
N ALA B 34 11.74 -3.29 -4.10
CA ALA B 34 13.10 -2.93 -3.74
C ALA B 34 14.01 -3.55 -4.78
N TRP B 35 13.70 -4.80 -5.16
CA TRP B 35 14.48 -5.52 -6.14
C TRP B 35 14.35 -5.02 -7.57
N ALA B 36 13.22 -4.41 -7.91
CA ALA B 36 13.04 -3.91 -9.26
C ALA B 36 13.84 -2.62 -9.39
N TYR B 37 13.76 -1.81 -8.35
CA TYR B 37 14.45 -0.53 -8.29
C TYR B 37 15.92 -0.76 -8.45
N ARG B 38 16.46 -1.53 -7.52
CA ARG B 38 17.87 -1.82 -7.48
C ARG B 38 18.44 -2.61 -8.67
N SER B 39 17.56 -2.97 -9.61
CA SER B 39 17.98 -3.67 -10.81
C SER B 39 17.78 -2.72 -11.98
N ALA B 40 17.08 -1.62 -11.72
CA ALA B 40 16.80 -0.60 -12.74
C ALA B 40 16.32 0.66 -12.01
N ILE B 41 17.25 1.58 -11.80
CA ILE B 41 16.97 2.83 -11.10
C ILE B 41 16.20 3.86 -11.93
N THR B 42 14.87 3.84 -11.81
CA THR B 42 14.01 4.78 -12.51
C THR B 42 13.19 5.49 -11.45
N ASP B 43 12.74 6.71 -11.72
CA ASP B 43 11.95 7.40 -10.71
C ASP B 43 10.70 6.62 -10.36
N GLU B 44 10.04 6.08 -11.39
CA GLU B 44 8.83 5.30 -11.18
C GLU B 44 9.12 4.17 -10.20
N ASN B 45 10.12 3.36 -10.51
CA ASN B 45 10.49 2.25 -9.65
C ASN B 45 10.84 2.73 -8.24
N GLU B 46 11.40 3.93 -8.15
CA GLU B 46 11.74 4.50 -6.86
C GLU B 46 10.48 4.88 -6.09
N LYS B 47 9.49 5.39 -6.82
CA LYS B 47 8.22 5.82 -6.25
C LYS B 47 7.41 4.63 -5.76
N LYS B 48 7.39 3.54 -6.52
CA LYS B 48 6.63 2.36 -6.13
C LYS B 48 7.26 1.78 -4.86
N LYS B 49 8.57 1.65 -4.90
CA LYS B 49 9.36 1.13 -3.79
C LYS B 49 9.02 1.87 -2.50
N ASN B 50 9.15 3.19 -2.51
CA ASN B 50 8.86 3.96 -1.33
C ASN B 50 7.38 3.89 -0.92
N GLU B 51 6.50 3.76 -1.92
CA GLU B 51 5.06 3.68 -1.69
C GLU B 51 4.76 2.48 -0.80
N ILE B 52 5.23 1.30 -1.23
CA ILE B 52 5.04 0.06 -0.49
C ILE B 52 5.52 0.16 0.96
N SER B 53 6.73 0.66 1.15
CA SER B 53 7.26 0.79 2.51
C SER B 53 6.36 1.68 3.37
N ALA B 54 5.82 2.75 2.79
CA ALA B 54 4.94 3.65 3.54
C ALA B 54 3.71 2.88 3.96
N GLU B 55 3.18 2.08 3.04
CA GLU B 55 2.01 1.26 3.29
C GLU B 55 2.34 0.28 4.43
N LEU B 56 3.42 -0.47 4.26
CA LEU B 56 3.84 -1.44 5.28
C LEU B 56 4.00 -0.75 6.64
N ALA B 57 4.61 0.42 6.63
CA ALA B 57 4.82 1.17 7.86
C ALA B 57 3.53 1.43 8.66
N LYS B 58 2.43 1.74 7.95
CA LYS B 58 1.14 1.98 8.61
C LYS B 58 0.54 0.70 9.17
N PHE B 59 0.69 -0.38 8.42
CA PHE B 59 0.17 -1.66 8.89
C PHE B 59 0.85 -1.97 10.21
N MET B 60 2.18 -1.76 10.27
CA MET B 60 2.95 -2.02 11.47
C MET B 60 2.46 -1.21 12.67
N LYS B 61 2.24 0.09 12.44
CA LYS B 61 1.75 0.96 13.49
C LYS B 61 0.47 0.38 14.08
N GLU B 62 -0.42 -0.06 13.20
CA GLU B 62 -1.69 -0.62 13.65
C GLU B 62 -1.50 -2.00 14.27
N VAL B 63 -0.58 -2.77 13.71
CA VAL B 63 -0.29 -4.08 14.26
C VAL B 63 0.32 -3.92 15.63
N ALA B 64 1.09 -2.86 15.81
CA ALA B 64 1.76 -2.55 17.06
C ALA B 64 0.79 -2.16 18.18
N SER B 65 -0.28 -1.46 17.84
CA SER B 65 -1.24 -1.05 18.86
C SER B 65 -2.21 -2.19 19.24
N ASP B 66 -2.36 -3.16 18.34
CA ASP B 66 -3.24 -4.30 18.60
C ASP B 66 -2.63 -5.21 19.66
N THR B 67 -1.30 -5.30 19.66
CA THR B 67 -0.60 -6.14 20.60
C THR B 67 -0.74 -5.64 22.03
N THR B 68 -1.30 -4.45 22.20
CA THR B 68 -1.49 -3.91 23.55
C THR B 68 -2.51 -4.82 24.22
N LYS B 69 -3.35 -5.45 23.39
CA LYS B 69 -4.37 -6.37 23.86
C LYS B 69 -3.70 -7.46 24.69
N PHE B 70 -2.71 -8.11 24.09
CA PHE B 70 -1.96 -9.19 24.75
C PHE B 70 -0.87 -8.65 25.66
N GLN B 71 -0.98 -8.91 26.96
CA GLN B 71 0.06 -8.45 27.88
C GLN B 71 1.16 -9.50 27.96
N TRP B 72 2.04 -9.51 26.97
CA TRP B 72 3.14 -10.48 26.90
C TRP B 72 4.27 -10.22 27.91
N ARG B 73 4.35 -9.00 28.43
CA ARG B 73 5.38 -8.67 29.41
C ARG B 73 5.20 -9.56 30.64
N SER B 74 4.08 -10.28 30.68
CA SER B 74 3.78 -11.15 31.81
C SER B 74 3.57 -12.62 31.42
N TYR B 75 3.54 -12.88 30.12
CA TYR B 75 3.32 -14.24 29.63
C TYR B 75 4.18 -15.33 30.24
N GLN B 76 3.94 -16.55 29.79
CA GLN B 76 4.62 -17.74 30.28
C GLN B 76 5.88 -18.18 29.55
N SER B 77 5.69 -18.80 28.38
CA SER B 77 6.80 -19.31 27.57
C SER B 77 7.42 -18.22 26.72
N GLU B 78 8.76 -18.20 26.61
CA GLU B 78 9.39 -17.21 25.76
C GLU B 78 9.04 -17.62 24.34
N ASP B 79 9.88 -17.26 23.39
CA ASP B 79 9.61 -17.56 21.98
C ASP B 79 8.39 -16.72 21.64
N LEU B 80 7.26 -17.03 22.28
CA LEU B 80 6.03 -16.28 22.09
C LEU B 80 6.37 -14.91 22.66
N LYS B 81 6.82 -14.94 23.89
CA LYS B 81 7.20 -13.72 24.59
C LYS B 81 8.39 -13.08 23.89
N ARG B 82 9.01 -13.83 22.96
CA ARG B 82 10.16 -13.34 22.21
C ARG B 82 9.71 -12.68 20.90
N GLN B 83 8.67 -13.24 20.29
CA GLN B 83 8.13 -12.72 19.04
C GLN B 83 7.49 -11.34 19.18
N PHE B 84 6.94 -11.03 20.36
CA PHE B 84 6.30 -9.74 20.62
C PHE B 84 7.34 -8.64 20.80
N LYS B 85 8.35 -8.91 21.62
CA LYS B 85 9.37 -7.92 21.85
C LYS B 85 9.99 -7.48 20.52
N ALA B 86 10.08 -8.42 19.59
CA ALA B 86 10.67 -8.17 18.28
C ALA B 86 9.71 -7.57 17.27
N LEU B 87 8.46 -8.01 17.29
CA LEU B 87 7.47 -7.50 16.36
C LEU B 87 6.98 -6.12 16.76
N THR B 88 7.13 -5.77 18.05
CA THR B 88 6.69 -4.47 18.55
C THR B 88 7.82 -3.45 18.47
N LYS B 89 9.05 -3.92 18.26
CA LYS B 89 10.16 -3.01 18.11
C LYS B 89 10.00 -2.48 16.70
N LEU B 90 9.42 -1.30 16.59
CA LEU B 90 9.18 -0.69 15.30
C LEU B 90 10.39 0.18 14.96
N GLY B 91 10.98 -0.03 13.78
CA GLY B 91 12.11 0.79 13.44
C GLY B 91 11.65 2.15 12.97
N TYR B 92 12.06 2.53 11.77
CA TYR B 92 11.69 3.81 11.20
C TYR B 92 10.18 3.96 11.13
N ALA B 93 9.49 2.82 11.11
CA ALA B 93 8.04 2.83 11.03
C ALA B 93 7.37 3.48 12.23
N ALA B 94 8.13 3.73 13.28
CA ALA B 94 7.55 4.37 14.45
C ALA B 94 7.34 5.85 14.13
N LEU B 95 8.12 6.38 13.18
CA LEU B 95 8.01 7.78 12.77
C LEU B 95 6.62 8.13 12.26
N PRO B 96 6.16 9.37 12.51
CA PRO B 96 4.83 9.69 12.00
C PRO B 96 4.87 9.70 10.47
N GLU B 97 3.69 9.66 9.85
CA GLU B 97 3.60 9.63 8.39
C GLU B 97 4.50 10.62 7.67
N ASP B 98 4.41 11.89 8.05
CA ASP B 98 5.19 12.92 7.38
C ASP B 98 6.69 12.60 7.35
N ASP B 99 7.28 12.34 8.51
CA ASP B 99 8.70 12.04 8.60
C ASP B 99 9.19 10.74 7.95
N TYR B 100 8.44 9.66 8.13
CA TYR B 100 8.84 8.40 7.52
C TYR B 100 9.00 8.63 6.03
N ALA B 101 8.06 9.35 5.43
CA ALA B 101 8.13 9.62 4.01
C ALA B 101 9.33 10.50 3.71
N GLU B 102 9.54 11.54 4.50
CA GLU B 102 10.67 12.40 4.21
C GLU B 102 11.96 11.60 4.36
N LEU B 103 12.00 10.65 5.28
CA LEU B 103 13.20 9.83 5.47
C LEU B 103 13.43 8.95 4.23
N LEU B 104 12.36 8.39 3.69
CA LEU B 104 12.46 7.55 2.50
C LEU B 104 13.02 8.35 1.34
N ASP B 105 12.56 9.60 1.19
CA ASP B 105 13.06 10.43 0.11
C ASP B 105 14.53 10.69 0.30
N THR B 106 14.90 11.24 1.45
CA THR B 106 16.31 11.52 1.72
C THR B 106 17.10 10.22 1.55
N LEU B 107 16.56 9.13 2.07
CA LEU B 107 17.21 7.81 1.96
C LEU B 107 17.36 7.42 0.49
N SER B 108 16.38 7.76 -0.35
CA SER B 108 16.47 7.43 -1.78
C SER B 108 17.54 8.29 -2.43
N ALA B 109 17.60 9.56 -2.06
CA ALA B 109 18.58 10.48 -2.62
C ALA B 109 20.02 9.99 -2.57
N MET B 110 20.48 9.62 -1.38
CA MET B 110 21.86 9.17 -1.20
C MET B 110 22.14 7.85 -1.95
N GLU B 111 21.22 6.90 -1.85
CA GLU B 111 21.36 5.60 -2.49
C GLU B 111 21.59 5.71 -3.98
N SER B 112 20.73 6.44 -4.66
CA SER B 112 20.86 6.61 -6.10
C SER B 112 22.02 7.55 -6.44
N ASN B 113 22.30 8.52 -5.59
CA ASN B 113 23.43 9.37 -5.92
C ASN B 113 24.70 8.54 -6.03
N PHE B 114 24.89 7.65 -5.07
CA PHE B 114 26.08 6.76 -5.05
C PHE B 114 26.13 5.97 -6.36
N ALA B 115 25.08 5.18 -6.58
CA ALA B 115 24.98 4.34 -7.75
C ALA B 115 25.08 5.10 -9.08
N LYS B 116 24.72 6.37 -9.10
CA LYS B 116 24.78 7.08 -10.39
C LYS B 116 26.04 7.85 -10.66
N VAL B 117 27.07 7.60 -9.88
CA VAL B 117 28.33 8.33 -10.06
C VAL B 117 29.02 7.94 -11.36
N LYS B 118 29.60 8.94 -12.01
CA LYS B 118 30.34 8.74 -13.24
C LYS B 118 31.45 9.77 -13.26
N VAL B 119 32.64 9.34 -13.65
CA VAL B 119 33.76 10.26 -13.74
C VAL B 119 34.36 10.19 -15.17
N CYS B 120 35.15 11.18 -15.53
CA CYS B 120 35.79 11.22 -16.84
C CYS B 120 37.17 10.53 -16.82
N ASP B 121 37.45 9.67 -17.81
CA ASP B 121 38.73 8.97 -17.86
C ASP B 121 39.91 9.95 -17.79
N TYR B 122 40.85 9.65 -16.89
CA TYR B 122 42.02 10.48 -16.64
C TYR B 122 42.79 10.92 -17.86
N LYS B 123 42.77 10.08 -18.90
CA LYS B 123 43.49 10.35 -20.14
C LYS B 123 42.57 10.62 -21.32
N ASP B 124 41.29 10.92 -21.07
CA ASP B 124 40.34 11.20 -22.13
C ASP B 124 39.08 11.88 -21.58
N SER B 125 39.20 13.17 -21.30
CA SER B 125 38.12 13.97 -20.74
C SER B 125 36.81 13.97 -21.53
N THR B 126 36.81 13.26 -22.66
CA THR B 126 35.59 13.21 -23.48
C THR B 126 34.62 12.11 -23.03
N LYS B 127 35.15 10.96 -22.61
CA LYS B 127 34.30 9.85 -22.17
C LYS B 127 33.37 10.18 -21.02
N CYS B 128 33.89 10.29 -19.81
CA CYS B 128 33.04 10.60 -18.66
C CYS B 128 31.92 9.60 -18.37
N ASP B 129 32.08 8.34 -18.76
CA ASP B 129 31.04 7.37 -18.47
C ASP B 129 31.58 6.23 -17.64
N LEU B 130 32.76 6.44 -17.03
CA LEU B 130 33.37 5.41 -16.20
C LEU B 130 32.63 5.34 -14.87
N ALA B 131 32.28 4.12 -14.45
CA ALA B 131 31.57 3.92 -13.20
C ALA B 131 32.44 3.19 -12.19
N LEU B 132 32.04 3.25 -10.93
CA LEU B 132 32.78 2.62 -9.86
C LEU B 132 32.99 1.12 -9.99
N ASP B 133 31.91 0.35 -10.11
CA ASP B 133 32.09 -1.09 -10.16
C ASP B 133 33.12 -1.51 -11.21
N PRO B 134 32.73 -1.53 -12.48
CA PRO B 134 33.78 -1.94 -13.41
C PRO B 134 35.02 -1.02 -13.41
N GLU B 135 35.02 -0.04 -14.30
CA GLU B 135 36.15 0.87 -14.49
C GLU B 135 36.97 1.38 -13.29
N ILE B 136 36.41 2.23 -12.46
CA ILE B 136 37.18 2.79 -11.34
C ILE B 136 37.80 1.75 -10.42
N GLU B 137 37.04 0.74 -10.00
CA GLU B 137 37.61 -0.27 -9.11
C GLU B 137 38.78 -1.00 -9.77
N GLU B 138 38.80 -1.02 -11.10
CA GLU B 138 39.87 -1.67 -11.82
C GLU B 138 41.12 -0.82 -11.83
N VAL B 139 40.93 0.49 -11.96
CA VAL B 139 42.04 1.43 -11.96
C VAL B 139 42.72 1.44 -10.60
N ILE B 140 41.95 1.74 -9.56
CA ILE B 140 42.49 1.79 -8.19
C ILE B 140 43.26 0.51 -7.89
N SER B 141 42.80 -0.59 -8.46
CA SER B 141 43.38 -1.90 -8.25
C SER B 141 44.61 -2.26 -9.09
N LYS B 142 44.73 -1.70 -10.28
CA LYS B 142 45.85 -2.05 -11.16
C LYS B 142 46.86 -0.95 -11.43
N SER B 143 46.42 0.29 -11.55
CA SER B 143 47.31 1.42 -11.80
C SER B 143 48.42 1.56 -10.74
N ARG B 144 49.58 2.06 -11.18
CA ARG B 144 50.71 2.24 -10.28
C ARG B 144 51.26 3.64 -10.53
N ASP B 145 50.37 4.56 -10.82
CA ASP B 145 50.76 5.94 -11.05
C ASP B 145 49.99 6.68 -9.94
N HIS B 146 50.69 7.02 -8.87
CA HIS B 146 50.05 7.68 -7.73
C HIS B 146 49.22 8.88 -8.15
N GLU B 147 49.69 9.65 -9.11
CA GLU B 147 48.93 10.81 -9.54
C GLU B 147 47.59 10.40 -10.20
N GLU B 148 47.58 9.30 -10.93
CA GLU B 148 46.35 8.83 -11.57
C GLU B 148 45.35 8.28 -10.53
N LEU B 149 45.85 7.59 -9.50
CA LEU B 149 44.99 7.03 -8.45
C LEU B 149 44.43 8.20 -7.62
N ALA B 150 45.19 9.28 -7.59
CA ALA B 150 44.84 10.49 -6.85
C ALA B 150 43.65 11.10 -7.57
N TYR B 151 43.77 11.19 -8.89
CA TYR B 151 42.72 11.74 -9.73
C TYR B 151 41.40 11.06 -9.45
N TYR B 152 41.39 9.74 -9.63
CA TYR B 152 40.22 8.92 -9.40
C TYR B 152 39.74 8.90 -7.95
N TRP B 153 40.63 9.13 -7.00
CA TRP B 153 40.21 9.15 -5.61
C TRP B 153 39.37 10.41 -5.45
N ARG B 154 40.03 11.54 -5.72
CA ARG B 154 39.41 12.84 -5.64
C ARG B 154 38.09 12.94 -6.43
N GLU B 155 38.08 12.46 -7.67
CA GLU B 155 36.89 12.53 -8.50
C GLU B 155 35.74 11.76 -7.94
N PHE B 156 36.04 10.65 -7.29
CA PHE B 156 34.99 9.82 -6.72
C PHE B 156 34.44 10.26 -5.37
N TYR B 157 35.29 10.80 -4.51
CA TYR B 157 34.85 11.25 -3.18
C TYR B 157 34.07 12.56 -3.24
N ASP B 158 34.28 13.38 -4.25
CA ASP B 158 33.56 14.65 -4.34
C ASP B 158 32.10 14.42 -4.78
N LYS B 159 31.89 13.40 -5.63
CA LYS B 159 30.56 13.07 -6.13
C LYS B 159 29.81 12.22 -5.15
N ALA B 160 30.43 11.13 -4.70
CA ALA B 160 29.82 10.17 -3.77
C ALA B 160 29.59 10.62 -2.34
N GLY B 161 30.43 11.50 -1.83
CA GLY B 161 30.26 11.93 -0.46
C GLY B 161 29.72 13.34 -0.35
N THR B 162 30.59 14.30 -0.63
CA THR B 162 30.26 15.70 -0.55
C THR B 162 28.86 16.07 -1.04
N ALA B 163 28.57 15.79 -2.31
CA ALA B 163 27.26 16.11 -2.90
C ALA B 163 26.01 15.75 -2.08
N VAL B 164 26.14 14.83 -1.13
CA VAL B 164 25.01 14.40 -0.36
C VAL B 164 25.14 14.67 1.16
N ARG B 165 25.90 15.71 1.53
CA ARG B 165 26.05 16.01 2.94
C ARG B 165 24.73 16.39 3.63
N SER B 166 23.96 17.25 2.99
CA SER B 166 22.70 17.72 3.57
C SER B 166 21.75 16.59 3.87
N GLN B 167 21.48 15.76 2.87
CA GLN B 167 20.58 14.63 3.08
C GLN B 167 21.08 13.79 4.22
N PHE B 168 22.38 13.53 4.21
CA PHE B 168 22.94 12.72 5.28
C PHE B 168 22.66 13.36 6.65
N GLU B 169 22.62 14.69 6.73
CA GLU B 169 22.36 15.33 8.02
C GLU B 169 20.92 15.12 8.47
N ARG B 170 19.96 15.20 7.55
CA ARG B 170 18.57 14.99 7.95
C ARG B 170 18.36 13.52 8.25
N TYR B 171 19.19 12.66 7.66
CA TYR B 171 19.09 11.22 7.88
C TYR B 171 19.42 10.89 9.31
N VAL B 172 20.49 11.51 9.82
CA VAL B 172 20.88 11.27 11.19
C VAL B 172 19.76 11.80 12.08
N GLU B 173 19.21 12.96 11.73
CA GLU B 173 18.14 13.56 12.53
C GLU B 173 16.94 12.63 12.68
N LEU B 174 16.42 12.13 11.56
CA LEU B 174 15.29 11.23 11.59
C LEU B 174 15.67 9.87 12.19
N ASN B 175 16.93 9.49 12.02
CA ASN B 175 17.39 8.23 12.58
C ASN B 175 17.25 8.34 14.09
N THR B 176 17.78 9.44 14.63
CA THR B 176 17.72 9.68 16.06
C THR B 176 16.27 9.74 16.52
N LYS B 177 15.46 10.49 15.79
CA LYS B 177 14.06 10.62 16.17
C LYS B 177 13.40 9.26 16.29
N ALA B 178 13.59 8.42 15.27
CA ALA B 178 12.99 7.09 15.28
C ALA B 178 13.44 6.23 16.44
N ALA B 179 14.70 6.38 16.86
CA ALA B 179 15.25 5.58 17.95
C ALA B 179 14.72 5.94 19.33
N LYS B 180 14.42 7.21 19.54
CA LYS B 180 13.89 7.64 20.83
C LYS B 180 12.42 7.23 20.84
N LEU B 181 11.83 7.10 19.65
CA LEU B 181 10.43 6.70 19.50
C LEU B 181 10.24 5.22 19.86
N ASN B 182 11.34 4.52 20.15
CA ASN B 182 11.31 3.11 20.50
C ASN B 182 11.97 2.82 21.83
N ASN B 183 12.27 3.89 22.56
CA ASN B 183 12.90 3.81 23.86
C ASN B 183 14.39 3.52 23.82
N PHE B 184 15.02 3.82 22.68
CA PHE B 184 16.47 3.65 22.54
C PHE B 184 17.08 5.04 22.73
N THR B 185 18.33 5.07 23.18
CA THR B 185 19.06 6.30 23.40
C THR B 185 19.26 7.03 22.07
N SER B 186 19.51 6.26 21.03
CA SER B 186 19.76 6.83 19.72
C SER B 186 19.79 5.69 18.71
N GLY B 187 20.11 6.04 17.47
CA GLY B 187 20.21 5.03 16.44
C GLY B 187 21.38 4.12 16.76
N ALA B 188 22.37 4.67 17.46
CA ALA B 188 23.56 3.90 17.84
C ALA B 188 23.19 2.69 18.72
N GLU B 189 22.63 2.98 19.88
CA GLU B 189 22.23 1.95 20.83
C GLU B 189 21.19 0.96 20.25
N ALA B 190 20.49 1.39 19.20
CA ALA B 190 19.47 0.58 18.53
C ALA B 190 20.11 -0.50 17.64
N TRP B 191 21.24 -0.18 17.02
CA TRP B 191 21.93 -1.17 16.21
C TRP B 191 22.50 -2.21 17.17
N LEU B 192 23.22 -1.72 18.18
CA LEU B 192 23.82 -2.61 19.18
C LEU B 192 22.83 -3.61 19.77
N ASP B 193 21.60 -3.15 19.97
CA ASP B 193 20.55 -4.02 20.51
C ASP B 193 20.47 -5.34 19.74
N GLU B 194 20.78 -5.30 18.45
CA GLU B 194 20.69 -6.51 17.63
C GLU B 194 21.60 -7.62 18.10
N TYR B 195 22.57 -7.29 18.95
CA TYR B 195 23.50 -8.29 19.46
C TYR B 195 23.15 -8.75 20.89
N GLU B 196 22.04 -8.22 21.40
CA GLU B 196 21.54 -8.57 22.73
C GLU B 196 22.62 -8.82 23.77
N ASP B 197 23.48 -7.83 24.00
CA ASP B 197 24.55 -7.95 25.00
C ASP B 197 25.08 -6.58 25.42
N ASP B 198 24.74 -6.18 26.65
CA ASP B 198 25.13 -4.88 27.18
C ASP B 198 26.61 -4.56 27.22
N THR B 199 27.47 -5.55 27.04
CA THR B 199 28.91 -5.29 27.04
C THR B 199 29.54 -5.57 25.68
N PHE B 200 28.72 -5.65 24.63
CA PHE B 200 29.22 -5.97 23.30
C PHE B 200 30.33 -5.07 22.78
N GLU B 201 30.04 -3.78 22.65
CA GLU B 201 31.02 -2.81 22.18
C GLU B 201 32.37 -2.96 22.91
N GLN B 202 32.32 -3.17 24.23
CA GLN B 202 33.56 -3.33 25.00
C GLN B 202 34.27 -4.63 24.64
N GLN B 203 33.52 -5.70 24.38
CA GLN B 203 34.12 -6.98 23.99
C GLN B 203 34.90 -6.74 22.72
N LEU B 204 34.31 -5.95 21.82
CA LEU B 204 34.94 -5.64 20.55
C LEU B 204 36.13 -4.71 20.73
N GLU B 205 36.01 -3.73 21.63
CA GLU B 205 37.13 -2.83 21.85
C GLU B 205 38.31 -3.65 22.40
N ASP B 206 38.00 -4.69 23.18
CA ASP B 206 39.01 -5.57 23.75
C ASP B 206 39.75 -6.39 22.69
N ILE B 207 38.99 -7.17 21.93
CA ILE B 207 39.55 -8.01 20.90
C ILE B 207 40.39 -7.20 19.92
N PHE B 208 39.93 -6.01 19.56
CA PHE B 208 40.71 -5.21 18.63
C PHE B 208 42.08 -4.90 19.23
N ALA B 209 42.10 -4.70 20.55
CA ALA B 209 43.34 -4.40 21.28
C ALA B 209 44.34 -5.55 21.20
N ASP B 210 43.84 -6.79 21.21
CA ASP B 210 44.70 -7.97 21.16
C ASP B 210 45.32 -8.19 19.78
N ILE B 211 44.56 -7.83 18.76
CA ILE B 211 45.02 -8.02 17.40
C ILE B 211 45.74 -6.80 16.86
N ARG B 212 45.53 -5.66 17.50
CA ARG B 212 46.17 -4.42 17.06
C ARG B 212 47.67 -4.57 16.83
N PRO B 213 48.41 -5.09 17.84
CA PRO B 213 49.86 -5.29 17.71
C PRO B 213 50.14 -5.94 16.38
N LEU B 214 49.37 -6.99 16.06
CA LEU B 214 49.48 -7.64 14.77
C LEU B 214 49.19 -6.60 13.70
N TYR B 215 48.14 -5.82 13.85
CA TYR B 215 47.85 -4.83 12.82
C TYR B 215 49.01 -3.86 12.63
N GLN B 216 49.78 -3.62 13.68
CA GLN B 216 50.91 -2.70 13.59
C GLN B 216 52.26 -3.39 13.39
N GLN B 217 52.32 -4.17 12.30
CA GLN B 217 53.51 -4.90 11.88
C GLN B 217 53.29 -5.11 10.39
N ILE B 218 52.01 -5.21 10.03
CA ILE B 218 51.59 -5.37 8.64
C ILE B 218 51.63 -3.96 8.07
N HIS B 219 51.14 -3.03 8.87
CA HIS B 219 51.08 -1.62 8.52
C HIS B 219 52.45 -1.08 8.14
N GLY B 220 53.39 -1.16 9.08
CA GLY B 220 54.73 -0.68 8.84
C GLY B 220 55.42 -1.39 7.68
N TYR B 221 55.10 -2.66 7.48
CA TYR B 221 55.70 -3.44 6.41
C TYR B 221 55.20 -2.98 5.04
N VAL B 222 53.89 -2.88 4.89
CA VAL B 222 53.28 -2.44 3.64
C VAL B 222 53.83 -1.06 3.31
N ARG B 223 53.90 -0.23 4.34
CA ARG B 223 54.41 1.13 4.21
C ARG B 223 55.86 1.12 3.76
N PHE B 224 56.60 0.10 4.19
CA PHE B 224 58.00 -0.06 3.85
C PHE B 224 58.18 -0.28 2.35
N ARG B 225 57.42 -1.23 1.81
CA ARG B 225 57.48 -1.58 0.39
C ARG B 225 56.94 -0.45 -0.48
N LEU B 226 55.76 0.04 -0.12
CA LEU B 226 55.13 1.12 -0.86
C LEU B 226 56.09 2.29 -1.02
N ARG B 227 56.73 2.67 0.09
CA ARG B 227 57.71 3.75 0.09
C ARG B 227 58.95 3.35 -0.70
N LYS B 228 59.29 2.07 -0.72
CA LYS B 228 60.46 1.62 -1.47
C LYS B 228 60.11 1.68 -2.95
N HIS B 229 58.87 1.35 -3.27
CA HIS B 229 58.37 1.33 -4.64
C HIS B 229 57.99 2.69 -5.20
N TYR B 230 57.17 3.44 -4.48
CA TYR B 230 56.74 4.74 -4.94
C TYR B 230 57.73 5.84 -4.63
N GLY B 231 58.58 5.60 -3.63
CA GLY B 231 59.55 6.60 -3.28
C GLY B 231 59.24 7.41 -2.05
N ASP B 232 60.29 8.02 -1.50
CA ASP B 232 60.23 8.86 -0.31
C ASP B 232 59.24 10.02 -0.50
N ALA B 233 59.39 10.74 -1.60
CA ALA B 233 58.54 11.88 -1.87
C ALA B 233 57.06 11.54 -1.91
N VAL B 234 56.71 10.33 -2.31
CA VAL B 234 55.31 9.94 -2.38
C VAL B 234 54.81 9.26 -1.11
N VAL B 235 55.61 8.38 -0.53
CA VAL B 235 55.20 7.72 0.70
C VAL B 235 56.33 7.99 1.69
N SER B 236 55.98 8.58 2.83
CA SER B 236 56.99 8.89 3.82
C SER B 236 56.99 7.87 4.95
N GLU B 237 58.14 7.69 5.58
CA GLU B 237 58.25 6.78 6.72
C GLU B 237 57.59 7.54 7.88
N THR B 238 57.13 6.81 8.88
CA THR B 238 56.50 7.41 10.06
C THR B 238 55.19 8.16 9.85
N GLY B 239 54.85 8.48 8.60
CA GLY B 239 53.60 9.18 8.35
C GLY B 239 52.48 8.20 8.07
N PRO B 240 51.21 8.64 8.13
CA PRO B 240 50.16 7.65 7.85
C PRO B 240 50.19 7.25 6.35
N ILE B 241 49.69 6.06 6.04
CA ILE B 241 49.74 5.61 4.66
C ILE B 241 48.75 6.30 3.73
N PRO B 242 49.24 6.88 2.64
CA PRO B 242 48.37 7.56 1.69
C PRO B 242 47.48 6.49 1.06
N MET B 243 46.16 6.68 1.16
CA MET B 243 45.21 5.73 0.59
C MET B 243 45.50 5.66 -0.92
N HIS B 244 44.46 5.55 -1.73
CA HIS B 244 44.61 5.46 -3.19
C HIS B 244 45.75 4.59 -3.69
N LEU B 245 46.66 4.23 -2.79
CA LEU B 245 47.83 3.40 -3.08
C LEU B 245 47.68 1.98 -2.47
N LEU B 246 46.72 1.78 -1.57
CA LEU B 246 46.51 0.48 -0.95
C LEU B 246 45.64 -0.46 -1.80
N GLY B 247 45.29 -0.01 -3.01
CA GLY B 247 44.50 -0.78 -3.96
C GLY B 247 43.00 -0.89 -3.78
N ASN B 248 42.45 -0.05 -2.93
CA ASN B 248 41.02 -0.12 -2.65
C ASN B 248 40.51 1.27 -2.33
N MET B 249 39.40 1.62 -2.96
CA MET B 249 38.78 2.93 -2.84
C MET B 249 38.64 3.48 -1.40
N TRP B 250 38.40 2.57 -0.45
CA TRP B 250 38.25 2.90 0.96
C TRP B 250 39.39 2.28 1.77
N ALA B 251 40.29 1.57 1.10
CA ALA B 251 41.43 0.93 1.74
C ALA B 251 41.03 -0.12 2.76
N GLN B 252 39.81 -0.65 2.67
CA GLN B 252 39.42 -1.67 3.63
C GLN B 252 40.19 -2.98 3.46
N GLN B 253 40.72 -3.23 2.26
CA GLN B 253 41.47 -4.45 1.99
C GLN B 253 42.65 -4.10 1.10
N TRP B 254 43.79 -4.76 1.29
CA TRP B 254 44.97 -4.42 0.49
C TRP B 254 45.51 -5.50 -0.47
N SER B 255 44.89 -6.68 -0.50
CA SER B 255 45.40 -7.75 -1.36
C SER B 255 45.68 -7.36 -2.81
N GLU B 256 44.93 -6.40 -3.35
CA GLU B 256 45.14 -5.97 -4.74
C GLU B 256 46.54 -5.44 -5.04
N ILE B 257 47.32 -5.11 -4.01
CA ILE B 257 48.67 -4.63 -4.30
C ILE B 257 49.67 -5.64 -3.79
N ALA B 258 49.36 -6.91 -3.96
CA ALA B 258 50.25 -7.94 -3.50
C ALA B 258 51.38 -8.06 -4.50
N ASP B 259 51.16 -7.57 -5.71
CA ASP B 259 52.19 -7.65 -6.74
C ASP B 259 53.36 -6.74 -6.43
N ILE B 260 53.16 -5.78 -5.54
CA ILE B 260 54.25 -4.87 -5.20
C ILE B 260 54.66 -4.88 -3.72
N VAL B 261 53.87 -5.55 -2.89
CA VAL B 261 54.17 -5.59 -1.46
C VAL B 261 54.25 -6.99 -0.83
N SER B 262 54.01 -8.04 -1.59
CA SER B 262 54.12 -9.37 -1.02
C SER B 262 55.60 -9.71 -0.78
N PRO B 263 55.92 -10.33 0.36
CA PRO B 263 57.31 -10.66 0.65
C PRO B 263 57.97 -11.62 -0.33
N PHE B 264 57.15 -12.40 -1.03
CA PHE B 264 57.67 -13.36 -1.98
C PHE B 264 56.90 -13.37 -3.29
N PRO B 265 57.11 -12.34 -4.12
CA PRO B 265 56.41 -12.30 -5.41
C PRO B 265 57.15 -13.31 -6.29
N GLU B 266 58.41 -13.59 -5.90
CA GLU B 266 59.29 -14.57 -6.57
C GLU B 266 58.73 -15.96 -6.31
N LYS B 267 58.48 -16.25 -5.03
CA LYS B 267 57.90 -17.54 -4.63
C LYS B 267 56.49 -17.52 -5.20
N PRO B 268 55.94 -18.69 -5.55
CA PRO B 268 54.59 -18.71 -6.10
C PRO B 268 53.59 -17.79 -5.41
N LEU B 269 52.85 -17.02 -6.20
CA LEU B 269 51.86 -16.13 -5.63
C LEU B 269 50.50 -16.79 -5.84
N VAL B 270 49.69 -16.87 -4.79
CA VAL B 270 48.38 -17.46 -4.92
C VAL B 270 47.46 -16.43 -5.55
N ASP B 271 47.62 -16.25 -6.87
CA ASP B 271 46.83 -15.31 -7.65
C ASP B 271 46.09 -16.03 -8.78
N VAL B 272 45.18 -16.92 -8.39
CA VAL B 272 44.39 -17.71 -9.33
C VAL B 272 43.65 -16.85 -10.34
N SER B 273 43.49 -15.58 -9.99
CA SER B 273 42.77 -14.63 -10.83
C SER B 273 43.06 -14.72 -12.34
N ALA B 274 44.33 -14.84 -12.73
CA ALA B 274 44.67 -14.92 -14.16
C ALA B 274 44.53 -16.32 -14.77
N GLU B 275 44.63 -17.35 -13.94
CA GLU B 275 44.48 -18.72 -14.43
C GLU B 275 43.00 -18.97 -14.63
N MET B 276 42.18 -18.13 -14.00
CA MET B 276 40.74 -18.23 -14.13
C MET B 276 40.38 -17.73 -15.53
N GLU B 277 40.84 -16.52 -15.85
CA GLU B 277 40.55 -15.91 -17.13
C GLU B 277 41.03 -16.76 -18.31
N LYS B 278 42.19 -17.39 -18.14
CA LYS B 278 42.74 -18.22 -19.20
C LYS B 278 41.93 -19.50 -19.43
N GLN B 279 41.32 -20.01 -18.36
CA GLN B 279 40.53 -21.23 -18.46
C GLN B 279 39.11 -20.98 -18.91
N ALA B 280 38.82 -19.73 -19.27
CA ALA B 280 37.49 -19.34 -19.75
C ALA B 280 36.43 -19.44 -18.65
N TYR B 281 36.85 -19.18 -17.41
CA TYR B 281 35.92 -19.19 -16.27
C TYR B 281 34.83 -18.15 -16.50
N THR B 282 33.60 -18.48 -16.11
CA THR B 282 32.48 -17.57 -16.28
C THR B 282 31.72 -17.39 -14.97
N PRO B 283 30.98 -16.27 -14.84
CA PRO B 283 30.19 -15.98 -13.63
C PRO B 283 29.37 -17.20 -13.26
N LEU B 284 28.62 -17.69 -14.24
CA LEU B 284 27.76 -18.86 -14.07
C LEU B 284 28.55 -20.04 -13.51
N LYS B 285 29.68 -20.35 -14.11
CA LYS B 285 30.52 -21.46 -13.64
C LYS B 285 30.92 -21.25 -12.20
N MET B 286 31.20 -20.01 -11.84
CA MET B 286 31.60 -19.69 -10.46
C MET B 286 30.47 -19.94 -9.45
N PHE B 287 29.24 -19.60 -9.81
CA PHE B 287 28.11 -19.83 -8.91
C PHE B 287 27.93 -21.33 -8.73
N GLN B 288 28.01 -22.05 -9.86
CA GLN B 288 27.86 -23.50 -9.83
C GLN B 288 28.92 -24.12 -8.95
N MET B 289 30.13 -23.56 -8.99
CA MET B 289 31.21 -24.07 -8.14
C MET B 289 30.83 -23.77 -6.69
N GLY B 290 30.19 -22.63 -6.49
CA GLY B 290 29.77 -22.25 -5.15
C GLY B 290 28.60 -23.10 -4.68
N ASP B 291 27.77 -23.53 -5.63
CA ASP B 291 26.63 -24.37 -5.28
C ASP B 291 27.18 -25.70 -4.76
N ASP B 292 28.18 -26.22 -5.47
CA ASP B 292 28.87 -27.47 -5.17
C ASP B 292 29.41 -27.61 -3.76
N PHE B 293 30.08 -26.57 -3.28
CA PHE B 293 30.66 -26.61 -1.94
C PHE B 293 29.58 -26.91 -0.89
N PHE B 294 28.48 -26.17 -0.96
CA PHE B 294 27.39 -26.38 -0.01
C PHE B 294 26.82 -27.80 -0.09
N THR B 295 26.48 -28.28 -1.28
CA THR B 295 25.95 -29.63 -1.40
C THR B 295 27.01 -30.63 -0.93
N SER B 296 28.28 -30.32 -1.18
CA SER B 296 29.38 -31.20 -0.75
C SER B 296 29.30 -31.45 0.75
N MET B 297 28.81 -30.45 1.48
CA MET B 297 28.71 -30.51 2.92
C MET B 297 27.33 -30.96 3.40
N ASN B 298 26.54 -31.49 2.48
CA ASN B 298 25.18 -31.95 2.78
C ASN B 298 24.26 -30.74 3.09
N LEU B 299 24.70 -29.56 2.69
CA LEU B 299 23.93 -28.33 2.88
C LEU B 299 22.95 -28.27 1.71
N THR B 300 21.98 -27.36 1.76
CA THR B 300 20.99 -27.27 0.71
C THR B 300 21.46 -26.70 -0.61
N LYS B 301 20.96 -27.30 -1.69
CA LYS B 301 21.31 -26.89 -3.03
C LYS B 301 20.45 -25.73 -3.48
N LEU B 302 20.98 -24.92 -4.39
CA LEU B 302 20.27 -23.76 -4.91
C LEU B 302 19.01 -24.17 -5.67
N PRO B 303 17.87 -23.55 -5.33
CA PRO B 303 16.56 -23.82 -5.95
C PRO B 303 16.44 -23.31 -7.37
N GLN B 304 15.39 -23.74 -8.06
CA GLN B 304 15.16 -23.34 -9.44
C GLN B 304 14.89 -21.84 -9.66
N ASP B 305 14.29 -21.16 -8.69
CA ASP B 305 14.02 -19.73 -8.84
C ASP B 305 15.31 -18.93 -8.84
N PHE B 306 16.32 -19.45 -8.14
CA PHE B 306 17.60 -18.76 -8.07
C PHE B 306 18.20 -18.61 -9.46
N TRP B 307 18.35 -19.70 -10.19
CA TRP B 307 18.93 -19.63 -11.52
C TRP B 307 18.07 -18.86 -12.51
N ASP B 308 16.75 -18.86 -12.28
CA ASP B 308 15.85 -18.14 -13.19
C ASP B 308 15.82 -16.64 -12.91
N LYS B 309 15.80 -16.29 -11.63
CA LYS B 309 15.70 -14.89 -11.29
C LYS B 309 16.99 -14.14 -10.98
N SER B 310 18.03 -14.84 -10.57
CA SER B 310 19.26 -14.13 -10.23
C SER B 310 19.90 -13.41 -11.39
N ILE B 311 20.45 -12.24 -11.09
CA ILE B 311 21.15 -11.45 -12.09
C ILE B 311 22.59 -11.67 -11.64
N ILE B 312 23.39 -12.34 -12.46
CA ILE B 312 24.78 -12.61 -12.09
C ILE B 312 25.84 -11.97 -12.99
N GLU B 313 25.45 -10.97 -13.78
CA GLU B 313 26.40 -10.29 -14.65
C GLU B 313 25.82 -8.94 -14.97
N LYS B 314 26.64 -7.90 -14.87
CA LYS B 314 26.17 -6.54 -15.10
C LYS B 314 25.39 -6.32 -16.39
N PRO B 315 24.12 -5.92 -16.26
CA PRO B 315 23.30 -5.68 -17.46
C PRO B 315 24.10 -4.88 -18.49
N THR B 316 23.84 -5.18 -19.75
CA THR B 316 24.54 -4.54 -20.85
C THR B 316 23.87 -3.33 -21.49
N ASP B 317 22.67 -2.97 -21.04
CA ASP B 317 21.98 -1.81 -21.60
C ASP B 317 22.49 -0.55 -20.87
N GLY B 318 22.07 0.62 -21.34
CA GLY B 318 22.53 1.83 -20.71
C GLY B 318 21.70 2.21 -19.50
N ARG B 319 21.17 1.21 -18.81
CA ARG B 319 20.33 1.50 -17.67
C ARG B 319 21.15 1.60 -16.39
N ASP B 320 20.60 2.32 -15.43
CA ASP B 320 21.24 2.48 -14.14
C ASP B 320 20.69 1.42 -13.21
N LEU B 321 21.52 1.00 -12.26
CA LEU B 321 21.12 -0.02 -11.33
C LEU B 321 22.11 0.07 -10.20
N VAL B 322 21.84 -0.62 -9.10
CA VAL B 322 22.75 -0.65 -7.98
C VAL B 322 23.54 -1.94 -8.16
N CYS B 323 24.86 -1.87 -8.17
CA CYS B 323 25.56 -3.11 -8.33
C CYS B 323 26.45 -3.60 -7.22
N HIS B 324 26.21 -3.13 -6.01
CA HIS B 324 26.99 -3.59 -4.87
C HIS B 324 26.33 -4.92 -4.50
N ALA B 325 26.99 -6.02 -4.86
CA ALA B 325 26.48 -7.36 -4.63
C ALA B 325 25.58 -7.50 -3.41
N SER B 326 24.53 -8.31 -3.55
CA SER B 326 23.60 -8.56 -2.48
C SER B 326 22.78 -9.81 -2.75
N ALA B 327 22.21 -10.38 -1.68
CA ALA B 327 21.36 -11.58 -1.79
C ALA B 327 19.94 -11.26 -1.26
N TRP B 328 18.91 -11.78 -1.92
CA TRP B 328 17.53 -11.48 -1.50
C TRP B 328 16.65 -12.62 -1.04
N ASP B 329 15.97 -12.39 0.09
CA ASP B 329 15.04 -13.36 0.68
C ASP B 329 13.63 -12.82 0.43
N PHE B 330 12.91 -13.46 -0.48
CA PHE B 330 11.56 -13.03 -0.83
C PHE B 330 10.47 -13.59 0.08
N TYR B 331 10.91 -14.19 1.17
CA TYR B 331 10.03 -14.74 2.19
C TYR B 331 8.88 -15.60 1.71
N LEU B 332 9.21 -16.62 0.93
CA LEU B 332 8.23 -17.57 0.46
C LEU B 332 8.95 -18.88 0.62
N ILE B 333 8.79 -19.77 -0.34
CA ILE B 333 9.49 -21.04 -0.27
C ILE B 333 10.27 -21.24 -1.56
N ASP B 334 11.59 -21.16 -1.42
CA ASP B 334 12.56 -21.32 -2.51
C ASP B 334 12.71 -20.15 -3.47
N ASP B 335 12.26 -18.98 -3.06
CA ASP B 335 12.42 -17.83 -3.93
C ASP B 335 13.51 -16.95 -3.32
N VAL B 336 14.75 -17.24 -3.72
CA VAL B 336 15.92 -16.51 -3.28
C VAL B 336 16.68 -16.13 -4.54
N ARG B 337 17.25 -14.92 -4.56
CA ARG B 337 17.98 -14.46 -5.72
C ARG B 337 19.14 -13.58 -5.30
N ILE B 338 20.18 -13.59 -6.13
CA ILE B 338 21.37 -12.78 -5.92
C ILE B 338 21.49 -11.83 -7.09
N LYS B 339 22.07 -10.66 -6.85
CA LYS B 339 22.28 -9.68 -7.91
C LYS B 339 23.73 -9.29 -7.81
N GLN B 340 24.51 -9.67 -8.81
CA GLN B 340 25.92 -9.35 -8.75
C GLN B 340 26.44 -8.98 -10.11
N CYS B 341 27.31 -7.97 -10.12
CA CYS B 341 27.95 -7.52 -11.34
C CYS B 341 29.25 -8.30 -11.47
N THR B 342 29.16 -9.59 -11.22
CA THR B 342 30.29 -10.50 -11.23
C THR B 342 31.30 -10.34 -12.35
N ARG B 343 32.54 -10.64 -11.99
CA ARG B 343 33.66 -10.61 -12.90
C ARG B 343 34.54 -11.81 -12.53
N VAL B 344 35.29 -12.31 -13.50
CA VAL B 344 36.18 -13.44 -13.24
C VAL B 344 37.48 -12.92 -12.66
N THR B 345 37.62 -13.05 -11.34
CA THR B 345 38.82 -12.63 -10.62
C THR B 345 38.71 -13.38 -9.30
N GLN B 346 39.83 -13.61 -8.63
CA GLN B 346 39.79 -14.33 -7.37
C GLN B 346 38.99 -13.67 -6.25
N ASP B 347 38.93 -12.35 -6.21
CA ASP B 347 38.18 -11.65 -5.15
C ASP B 347 36.70 -11.83 -5.37
N GLN B 348 36.28 -11.80 -6.63
CA GLN B 348 34.88 -12.00 -6.96
C GLN B 348 34.43 -13.40 -6.62
N LEU B 349 35.35 -14.36 -6.73
CA LEU B 349 35.07 -15.76 -6.43
C LEU B 349 34.68 -15.90 -4.97
N PHE B 350 35.39 -15.21 -4.09
CA PHE B 350 35.06 -15.27 -2.66
C PHE B 350 33.70 -14.62 -2.46
N THR B 351 33.50 -13.49 -3.12
CA THR B 351 32.23 -12.76 -3.02
C THR B 351 31.03 -13.67 -3.36
N VAL B 352 31.10 -14.38 -4.48
CA VAL B 352 30.03 -15.30 -4.85
C VAL B 352 29.70 -16.16 -3.63
N HIS B 353 30.72 -16.81 -3.07
CA HIS B 353 30.54 -17.66 -1.89
C HIS B 353 29.96 -16.82 -0.74
N HIS B 354 30.44 -15.58 -0.60
CA HIS B 354 29.96 -14.72 0.48
C HIS B 354 28.47 -14.58 0.35
N GLU B 355 28.04 -14.26 -0.87
CA GLU B 355 26.63 -14.09 -1.15
C GLU B 355 25.86 -15.38 -0.97
N LEU B 356 26.39 -16.50 -1.46
CA LEU B 356 25.71 -17.79 -1.29
C LEU B 356 25.58 -18.12 0.19
N GLY B 357 26.45 -17.54 1.01
CA GLY B 357 26.39 -17.77 2.44
C GLY B 357 25.09 -17.20 2.94
N HIS B 358 24.66 -16.10 2.33
CA HIS B 358 23.42 -15.48 2.72
C HIS B 358 22.31 -16.41 2.25
N ILE B 359 22.34 -16.74 0.95
CA ILE B 359 21.30 -17.62 0.38
C ILE B 359 21.12 -18.88 1.21
N GLN B 360 22.24 -19.49 1.62
CA GLN B 360 22.14 -20.72 2.39
C GLN B 360 21.29 -20.44 3.60
N TYR B 361 21.74 -19.50 4.41
CA TYR B 361 21.04 -19.11 5.61
C TYR B 361 19.53 -18.98 5.30
N PHE B 362 19.21 -18.27 4.23
CA PHE B 362 17.79 -18.08 3.87
C PHE B 362 17.09 -19.43 3.80
N LEU B 363 17.62 -20.32 2.97
CA LEU B 363 17.03 -21.65 2.82
C LEU B 363 16.97 -22.40 4.16
N GLN B 364 18.04 -22.28 4.95
CA GLN B 364 18.09 -22.97 6.23
C GLN B 364 16.98 -22.60 7.20
N TYR B 365 16.45 -21.38 7.14
CA TYR B 365 15.40 -21.05 8.09
C TYR B 365 14.03 -20.65 7.56
N GLN B 366 13.73 -21.09 6.33
CA GLN B 366 12.44 -20.79 5.72
C GLN B 366 11.27 -21.17 6.64
N HIS B 367 11.32 -22.38 7.19
CA HIS B 367 10.27 -22.91 8.07
C HIS B 367 9.95 -22.06 9.28
N GLN B 368 10.92 -21.24 9.72
CA GLN B 368 10.76 -20.38 10.87
C GLN B 368 9.69 -19.30 10.72
N PRO B 369 9.09 -18.88 11.82
CA PRO B 369 8.05 -17.84 11.71
C PRO B 369 8.71 -16.54 11.25
N PHE B 370 8.20 -15.97 10.17
CA PHE B 370 8.75 -14.73 9.61
C PHE B 370 9.62 -13.89 10.54
N VAL B 371 9.13 -13.57 11.74
CA VAL B 371 9.91 -12.73 12.65
C VAL B 371 11.30 -13.31 12.88
N TYR B 372 11.37 -14.63 12.97
CA TYR B 372 12.64 -15.32 13.20
C TYR B 372 13.41 -15.62 11.92
N ARG B 373 12.87 -15.28 10.76
CA ARG B 373 13.60 -15.53 9.51
C ARG B 373 14.60 -14.43 9.20
N THR B 374 15.71 -14.49 9.94
CA THR B 374 16.81 -13.56 9.82
C THR B 374 17.98 -14.30 10.46
N GLY B 375 19.10 -13.62 10.67
CA GLY B 375 20.25 -14.27 11.25
C GLY B 375 20.36 -14.10 12.74
N ALA B 376 20.93 -15.08 13.41
CA ALA B 376 21.08 -14.96 14.85
C ALA B 376 22.17 -13.93 14.92
N ASN B 377 21.87 -12.72 15.38
CA ASN B 377 22.94 -11.71 15.42
C ASN B 377 23.38 -11.43 13.96
N PRO B 378 23.34 -10.16 13.53
CA PRO B 378 23.73 -9.79 12.17
C PRO B 378 25.08 -10.30 11.73
N GLY B 379 25.94 -10.55 12.72
CA GLY B 379 27.28 -11.02 12.45
C GLY B 379 27.30 -12.37 11.77
N PHE B 380 26.44 -13.25 12.24
CA PHE B 380 26.33 -14.60 11.69
C PHE B 380 25.95 -14.62 10.23
N HIS B 381 25.17 -13.64 9.78
CA HIS B 381 24.76 -13.65 8.39
C HIS B 381 25.94 -13.38 7.45
N GLU B 382 26.79 -12.43 7.81
CA GLU B 382 27.94 -12.10 6.99
C GLU B 382 29.10 -13.11 7.10
N ALA B 383 28.99 -14.11 7.98
CA ALA B 383 30.13 -15.02 8.10
C ALA B 383 30.02 -16.37 7.36
N VAL B 384 28.83 -16.95 7.33
CA VAL B 384 28.64 -18.23 6.67
C VAL B 384 29.47 -18.38 5.42
N GLY B 385 29.10 -17.66 4.38
CA GLY B 385 29.82 -17.75 3.12
C GLY B 385 31.31 -17.42 3.16
N ASP B 386 31.76 -16.74 4.20
CA ASP B 386 33.18 -16.40 4.26
C ASP B 386 34.00 -17.59 4.73
N VAL B 387 33.37 -18.42 5.54
CA VAL B 387 34.04 -19.59 6.05
C VAL B 387 34.36 -20.53 4.90
N LEU B 388 33.45 -20.66 3.94
CA LEU B 388 33.72 -21.53 2.81
C LEU B 388 34.82 -20.86 1.98
N SER B 389 34.74 -19.54 1.81
CA SER B 389 35.75 -18.81 1.04
C SER B 389 37.18 -19.04 1.60
N LEU B 390 37.31 -19.18 2.91
CA LEU B 390 38.61 -19.41 3.49
C LEU B 390 39.15 -20.74 2.95
N SER B 391 38.31 -21.77 2.87
CA SER B 391 38.71 -23.09 2.35
C SER B 391 39.16 -23.01 0.90
N VAL B 392 38.37 -22.31 0.10
CA VAL B 392 38.65 -22.12 -1.31
C VAL B 392 39.96 -21.37 -1.56
N SER B 393 40.36 -20.52 -0.62
CA SER B 393 41.59 -19.74 -0.76
C SER B 393 42.88 -20.52 -0.48
N THR B 394 42.76 -21.71 0.11
CA THR B 394 43.92 -22.52 0.45
C THR B 394 44.48 -23.37 -0.68
N PRO B 395 45.83 -23.38 -0.83
CA PRO B 395 46.61 -24.13 -1.82
C PRO B 395 45.99 -25.50 -2.07
N LYS B 396 45.60 -26.15 -0.99
CA LYS B 396 44.96 -27.47 -1.07
C LYS B 396 43.77 -27.46 -2.04
N HIS B 397 42.72 -26.69 -1.72
CA HIS B 397 41.51 -26.64 -2.55
C HIS B 397 41.67 -26.02 -3.94
N LEU B 398 42.64 -25.12 -4.09
CA LEU B 398 42.83 -24.49 -5.40
C LEU B 398 43.58 -25.46 -6.32
N GLU B 399 44.39 -26.35 -5.75
CA GLU B 399 45.07 -27.29 -6.61
C GLU B 399 44.07 -28.36 -6.99
N LYS B 400 43.32 -28.83 -6.00
CA LYS B 400 42.30 -29.83 -6.24
C LYS B 400 41.35 -29.50 -7.39
N ILE B 401 41.10 -28.21 -7.63
CA ILE B 401 40.19 -27.83 -8.73
C ILE B 401 40.97 -27.38 -9.94
N GLY B 402 42.29 -27.55 -9.86
CA GLY B 402 43.17 -27.18 -10.97
C GLY B 402 43.39 -25.71 -11.30
N LEU B 403 43.22 -24.83 -10.32
CA LEU B 403 43.43 -23.41 -10.56
C LEU B 403 44.80 -23.02 -10.05
N LEU B 404 45.59 -24.04 -9.73
CA LEU B 404 46.94 -23.88 -9.21
C LEU B 404 47.65 -25.15 -9.67
N LYS B 405 48.27 -25.12 -10.85
CA LYS B 405 48.93 -26.31 -11.41
C LYS B 405 50.05 -26.92 -10.56
N ASP B 406 51.27 -26.41 -10.69
CA ASP B 406 52.35 -26.95 -9.86
C ASP B 406 52.61 -25.94 -8.73
N TYR B 407 52.51 -26.44 -7.50
CA TYR B 407 52.68 -25.61 -6.31
C TYR B 407 53.49 -26.33 -5.24
N VAL B 408 54.46 -25.63 -4.66
CA VAL B 408 55.29 -26.19 -3.59
C VAL B 408 55.07 -25.38 -2.32
N ARG B 409 54.74 -26.06 -1.23
CA ARG B 409 54.52 -25.40 0.05
C ARG B 409 55.84 -24.99 0.71
N ASP B 410 56.74 -24.44 -0.09
CA ASP B 410 58.04 -23.97 0.35
C ASP B 410 58.20 -23.85 1.85
N ASP B 411 57.67 -22.75 2.35
CA ASP B 411 57.73 -22.36 3.76
C ASP B 411 57.46 -20.88 3.62
N GLU B 412 58.21 -20.27 2.73
CA GLU B 412 58.05 -18.85 2.47
C GLU B 412 56.91 -18.68 1.46
N ALA B 413 56.34 -19.81 1.06
CA ALA B 413 55.20 -19.80 0.16
C ALA B 413 54.01 -19.79 1.08
N ARG B 414 54.22 -20.33 2.28
CA ARG B 414 53.17 -20.38 3.28
C ARG B 414 52.97 -18.98 3.83
N ILE B 415 54.08 -18.26 3.98
CA ILE B 415 54.05 -16.89 4.48
C ILE B 415 53.16 -16.02 3.59
N ASN B 416 53.21 -16.29 2.29
CA ASN B 416 52.39 -15.54 1.33
C ASN B 416 50.92 -15.89 1.52
N GLN B 417 50.66 -17.18 1.71
CA GLN B 417 49.30 -17.67 1.89
C GLN B 417 48.60 -17.08 3.10
N LEU B 418 49.37 -16.61 4.07
CA LEU B 418 48.81 -16.01 5.27
C LEU B 418 48.83 -14.49 5.11
N PHE B 419 49.86 -14.00 4.43
CA PHE B 419 50.02 -12.58 4.20
C PHE B 419 48.97 -12.03 3.25
N LEU B 420 48.67 -12.79 2.20
CA LEU B 420 47.68 -12.37 1.22
C LEU B 420 46.30 -12.34 1.89
N THR B 421 46.18 -13.14 2.95
CA THR B 421 44.93 -13.24 3.70
C THR B 421 44.85 -12.12 4.75
N ALA B 422 46.01 -11.72 5.26
CA ALA B 422 46.08 -10.67 6.26
C ALA B 422 45.64 -9.32 5.72
N LEU B 423 45.85 -9.10 4.43
CA LEU B 423 45.49 -7.84 3.79
C LEU B 423 43.97 -7.66 3.67
N ASP B 424 43.22 -8.75 3.75
CA ASP B 424 41.77 -8.68 3.64
C ASP B 424 41.06 -8.87 4.98
N LYS B 425 41.64 -9.75 5.80
CA LYS B 425 41.07 -10.11 7.11
C LYS B 425 41.53 -9.34 8.37
N ILE B 426 42.84 -9.14 8.53
CA ILE B 426 43.35 -8.42 9.68
C ILE B 426 43.11 -6.94 9.46
N VAL B 427 43.60 -6.46 8.32
CA VAL B 427 43.49 -5.09 7.86
C VAL B 427 42.10 -4.48 7.93
N PHE B 428 41.11 -5.33 7.68
CA PHE B 428 39.69 -4.96 7.67
C PHE B 428 39.11 -4.67 9.07
N LEU B 429 39.60 -5.42 10.05
CA LEU B 429 39.12 -5.30 11.42
C LEU B 429 38.97 -3.85 11.91
N PRO B 430 40.02 -3.02 11.81
CA PRO B 430 39.95 -1.62 12.24
C PRO B 430 39.16 -0.70 11.32
N PHE B 431 39.03 -1.08 10.04
CA PHE B 431 38.27 -0.26 9.09
C PHE B 431 36.78 -0.32 9.45
N ALA B 432 36.29 -1.53 9.61
CA ALA B 432 34.89 -1.77 9.89
C ALA B 432 34.50 -1.25 11.24
N PHE B 433 35.46 -1.25 12.16
CA PHE B 433 35.21 -0.72 13.50
C PHE B 433 34.99 0.81 13.38
N THR B 434 35.86 1.49 12.63
CA THR B 434 35.72 2.93 12.51
C THR B 434 34.45 3.36 11.81
N MET B 435 34.00 2.54 10.87
CA MET B 435 32.78 2.84 10.13
C MET B 435 31.62 3.12 11.07
N ASP B 436 31.39 2.24 12.05
CA ASP B 436 30.28 2.47 12.95
C ASP B 436 30.63 3.33 14.17
N LYS B 437 31.90 3.34 14.57
CA LYS B 437 32.25 4.17 15.70
C LYS B 437 31.91 5.61 15.25
N TYR B 438 32.18 5.91 13.99
CA TYR B 438 31.90 7.23 13.41
C TYR B 438 30.40 7.55 13.36
N ARG B 439 29.61 6.59 12.90
CA ARG B 439 28.18 6.79 12.81
C ARG B 439 27.52 6.67 14.18
N TRP B 440 28.24 6.10 15.14
CA TRP B 440 27.70 6.00 16.48
C TRP B 440 27.85 7.37 17.12
N SER B 441 29.03 7.95 16.95
CA SER B 441 29.31 9.25 17.53
C SER B 441 28.38 10.32 16.97
N LEU B 442 27.84 10.09 15.77
CA LEU B 442 26.90 11.05 15.17
C LEU B 442 25.53 10.79 15.78
N PHE B 443 25.08 9.55 15.74
CA PHE B 443 23.78 9.18 16.31
C PHE B 443 23.69 9.69 17.75
N ARG B 444 24.80 9.56 18.47
CA ARG B 444 24.90 10.08 19.82
C ARG B 444 25.30 11.50 19.45
N GLY B 445 24.92 12.49 20.25
CA GLY B 445 25.27 13.84 19.85
C GLY B 445 26.70 14.26 20.15
N GLU B 446 27.62 13.30 20.14
CA GLU B 446 29.01 13.59 20.48
C GLU B 446 29.82 14.52 19.56
N VAL B 447 29.39 14.71 18.33
CA VAL B 447 30.18 15.57 17.46
C VAL B 447 29.39 16.79 16.98
N ASP B 448 30.13 17.87 16.75
CA ASP B 448 29.54 19.12 16.26
C ASP B 448 29.50 19.09 14.74
N LYS B 449 28.35 19.43 14.16
CA LYS B 449 28.22 19.43 12.70
C LYS B 449 29.38 20.15 12.02
N ALA B 450 30.01 21.09 12.71
CA ALA B 450 31.12 21.83 12.13
C ALA B 450 32.41 21.00 12.08
N ASN B 451 32.38 19.80 12.65
CA ASN B 451 33.56 18.93 12.66
C ASN B 451 33.26 17.54 12.13
N TRP B 452 32.09 17.40 11.53
CA TRP B 452 31.64 16.11 11.01
C TRP B 452 32.58 15.41 10.06
N ASN B 453 33.25 16.15 9.18
CA ASN B 453 34.16 15.49 8.24
C ASN B 453 35.54 15.12 8.77
N CYS B 454 36.02 15.81 9.81
CA CYS B 454 37.33 15.48 10.36
C CYS B 454 37.27 14.36 11.37
N ALA B 455 36.19 14.31 12.14
CA ALA B 455 36.04 13.25 13.14
C ALA B 455 36.18 11.93 12.39
N PHE B 456 35.61 11.86 11.19
CA PHE B 456 35.70 10.65 10.37
C PHE B 456 37.17 10.33 10.07
N TRP B 457 37.91 11.31 9.55
CA TRP B 457 39.31 11.11 9.20
C TRP B 457 40.27 10.92 10.37
N LYS B 458 39.98 11.57 11.50
CA LYS B 458 40.85 11.43 12.67
C LYS B 458 40.66 10.00 13.10
N LEU B 459 39.43 9.52 12.90
CA LEU B 459 39.06 8.17 13.28
C LEU B 459 39.70 7.14 12.36
N ARG B 460 39.96 7.50 11.10
CA ARG B 460 40.57 6.58 10.15
C ARG B 460 42.05 6.61 10.47
N ASP B 461 42.47 7.75 11.00
CA ASP B 461 43.84 7.94 11.38
C ASP B 461 44.12 7.12 12.64
N GLU B 462 43.45 7.39 13.75
CA GLU B 462 43.68 6.66 15.00
C GLU B 462 43.75 5.12 14.91
N TYR B 463 42.76 4.53 14.26
CA TYR B 463 42.66 3.09 14.17
C TYR B 463 43.33 2.42 13.00
N SER B 464 43.38 3.07 11.84
CA SER B 464 43.98 2.46 10.67
C SER B 464 45.36 2.95 10.21
N GLY B 465 45.71 4.20 10.55
CA GLY B 465 47.00 4.71 10.13
C GLY B 465 47.01 5.12 8.67
N ILE B 466 45.81 5.34 8.13
CA ILE B 466 45.60 5.76 6.74
C ILE B 466 45.12 7.20 6.62
N GLU B 467 45.42 7.86 5.49
CA GLU B 467 44.96 9.24 5.23
C GLU B 467 44.63 9.49 3.75
N PRO B 468 43.78 10.49 3.47
CA PRO B 468 43.41 10.79 2.07
C PRO B 468 44.63 11.21 1.23
N PRO B 469 44.53 11.10 -0.10
CA PRO B 469 45.56 11.44 -1.09
C PRO B 469 45.86 12.94 -1.03
N VAL B 470 44.81 13.73 -0.87
CA VAL B 470 44.92 15.18 -0.83
C VAL B 470 44.23 15.76 0.41
N VAL B 471 44.54 17.01 0.76
CA VAL B 471 43.94 17.64 1.92
C VAL B 471 42.42 17.81 1.72
N ARG B 472 41.64 17.44 2.73
CA ARG B 472 40.18 17.62 2.66
C ARG B 472 39.90 18.65 3.77
N SER B 473 38.67 19.14 3.85
CA SER B 473 38.32 20.10 4.89
C SER B 473 36.86 19.88 5.25
N GLU B 474 36.38 20.65 6.22
CA GLU B 474 34.99 20.52 6.64
C GLU B 474 34.08 20.92 5.50
N LYS B 475 34.68 21.41 4.43
CA LYS B 475 33.94 21.79 3.23
C LYS B 475 33.57 20.48 2.53
N ASP B 476 34.39 19.44 2.69
CA ASP B 476 34.07 18.17 2.04
C ASP B 476 33.38 17.29 3.05
N PHE B 477 32.80 16.21 2.57
CA PHE B 477 32.10 15.23 3.40
C PHE B 477 32.33 13.88 2.71
N ASP B 478 33.32 13.15 3.19
CA ASP B 478 33.71 11.88 2.60
C ASP B 478 33.02 10.58 3.03
N ALA B 479 32.53 10.52 4.26
CA ALA B 479 31.89 9.28 4.73
C ALA B 479 30.91 8.59 3.75
N PRO B 480 30.15 9.37 2.97
CA PRO B 480 29.21 8.75 2.02
C PRO B 480 29.80 8.10 0.77
N ALA B 481 31.12 8.12 0.64
CA ALA B 481 31.78 7.52 -0.52
C ALA B 481 31.77 6.01 -0.32
N LYS B 482 31.35 5.62 0.88
CA LYS B 482 31.26 4.23 1.27
C LYS B 482 29.80 3.82 1.15
N TYR B 483 29.54 2.96 0.18
CA TYR B 483 28.21 2.46 -0.11
C TYR B 483 27.30 2.36 1.11
N HIS B 484 27.72 1.58 2.10
CA HIS B 484 26.95 1.37 3.31
C HIS B 484 26.59 2.66 4.09
N ILE B 485 27.38 3.72 3.95
CA ILE B 485 27.03 4.94 4.65
C ILE B 485 25.87 5.55 3.87
N SER B 486 25.97 5.47 2.55
CA SER B 486 24.95 6.00 1.65
C SER B 486 23.61 5.24 1.68
N ALA B 487 23.70 3.91 1.73
CA ALA B 487 22.53 3.05 1.73
C ALA B 487 21.99 2.71 3.12
N ASP B 488 22.53 3.37 4.15
CA ASP B 488 22.11 3.11 5.51
C ASP B 488 22.17 1.60 5.88
N VAL B 489 23.36 1.02 5.85
CA VAL B 489 23.54 -0.37 6.24
C VAL B 489 24.61 -0.49 7.32
N GLU B 490 24.14 -0.89 8.50
CA GLU B 490 24.99 -1.08 9.67
C GLU B 490 26.24 -1.85 9.24
N TYR B 491 27.40 -1.43 9.75
CA TYR B 491 28.69 -2.01 9.39
C TYR B 491 29.39 -2.90 10.43
N LEU B 492 28.96 -2.83 11.69
CA LEU B 492 29.56 -3.64 12.73
C LEU B 492 29.41 -5.13 12.41
N ARG B 493 28.41 -5.45 11.59
CA ARG B 493 28.17 -6.84 11.23
C ARG B 493 29.40 -7.43 10.56
N TYR B 494 30.19 -6.60 9.89
CA TYR B 494 31.36 -7.13 9.23
C TYR B 494 32.50 -7.41 10.20
N LEU B 495 32.69 -6.49 11.14
CA LEU B 495 33.74 -6.65 12.12
C LEU B 495 33.50 -7.94 12.85
N VAL B 496 32.28 -8.11 13.35
CA VAL B 496 31.92 -9.30 14.08
C VAL B 496 32.12 -10.55 13.20
N SER B 497 31.81 -10.45 11.91
CA SER B 497 31.98 -11.57 11.01
C SER B 497 33.44 -12.00 10.87
N PHE B 498 34.32 -11.05 10.54
CA PHE B 498 35.72 -11.37 10.38
C PHE B 498 36.36 -12.03 11.62
N ILE B 499 35.71 -11.90 12.77
CA ILE B 499 36.22 -12.48 14.00
C ILE B 499 35.71 -13.88 14.20
N ILE B 500 34.40 -14.00 14.35
CA ILE B 500 33.82 -15.29 14.56
C ILE B 500 33.84 -16.23 13.36
N GLN B 501 34.03 -15.72 12.15
CA GLN B 501 34.04 -16.62 11.00
C GLN B 501 35.21 -17.57 11.13
N PHE B 502 36.20 -17.14 11.91
CA PHE B 502 37.36 -17.94 12.14
C PHE B 502 37.00 -18.96 13.21
N GLN B 503 36.13 -18.56 14.13
CA GLN B 503 35.68 -19.47 15.19
C GLN B 503 34.94 -20.64 14.53
N PHE B 504 34.14 -20.32 13.51
CA PHE B 504 33.38 -21.32 12.79
C PHE B 504 34.36 -22.21 12.04
N TYR B 505 35.22 -21.59 11.24
CA TYR B 505 36.22 -22.28 10.44
C TYR B 505 37.07 -23.27 11.24
N LYS B 506 37.60 -22.80 12.37
CA LYS B 506 38.42 -23.65 13.22
C LYS B 506 37.66 -24.88 13.75
N SER B 507 36.37 -24.73 14.03
CA SER B 507 35.60 -25.86 14.52
C SER B 507 35.22 -26.81 13.38
N ALA B 508 34.85 -26.25 12.24
CA ALA B 508 34.46 -27.03 11.07
C ALA B 508 35.63 -27.94 10.69
N CYS B 509 36.80 -27.34 10.51
CA CYS B 509 37.98 -28.08 10.17
C CYS B 509 38.29 -29.19 11.17
N ILE B 510 38.01 -28.95 12.45
CA ILE B 510 38.24 -29.96 13.49
C ILE B 510 37.22 -31.09 13.37
N LYS B 511 35.95 -30.74 13.16
CA LYS B 511 34.91 -31.74 13.01
C LYS B 511 35.23 -32.50 11.74
N ALA B 512 35.87 -31.81 10.79
CA ALA B 512 36.30 -32.44 9.55
C ALA B 512 37.68 -32.99 9.92
N GLY B 513 38.20 -33.97 9.20
CA GLY B 513 39.51 -34.49 9.59
C GLY B 513 40.68 -33.67 9.07
N GLN B 514 40.51 -32.35 9.07
CA GLN B 514 41.51 -31.43 8.53
C GLN B 514 42.40 -30.65 9.50
N TYR B 515 41.95 -30.40 10.73
CA TYR B 515 42.79 -29.62 11.63
C TYR B 515 43.10 -30.26 12.99
N ASP B 516 44.39 -30.35 13.28
CA ASP B 516 44.88 -30.92 14.52
C ASP B 516 45.88 -29.96 15.13
N PRO B 517 45.54 -29.40 16.30
CA PRO B 517 46.45 -28.45 16.96
C PRO B 517 47.78 -29.11 17.36
N ASP B 518 47.71 -30.33 17.88
CA ASP B 518 48.91 -31.04 18.30
C ASP B 518 49.98 -31.08 17.22
N ASN B 519 49.88 -32.04 16.32
CA ASN B 519 50.87 -32.21 15.26
C ASN B 519 50.68 -31.34 14.03
N VAL B 520 51.69 -31.32 13.17
CA VAL B 520 51.65 -30.52 11.95
C VAL B 520 51.12 -31.36 10.79
N GLU B 521 51.44 -30.92 9.57
CA GLU B 521 51.02 -31.57 8.33
C GLU B 521 49.51 -31.40 8.16
N LEU B 522 48.91 -30.76 9.16
CA LEU B 522 47.48 -30.43 9.20
C LEU B 522 47.35 -29.06 9.87
N PRO B 523 47.89 -28.01 9.23
CA PRO B 523 47.85 -26.64 9.75
C PRO B 523 46.53 -25.94 9.40
N LEU B 524 46.02 -25.15 10.33
CA LEU B 524 44.76 -24.42 10.13
C LEU B 524 44.65 -23.72 8.80
N ASP B 525 45.72 -23.10 8.34
CA ASP B 525 45.63 -22.38 7.08
C ASP B 525 45.63 -23.27 5.86
N ASN B 526 45.36 -24.57 6.06
CA ASN B 526 45.31 -25.47 4.92
C ASN B 526 44.23 -26.54 4.91
N CYS B 527 43.14 -26.33 5.66
CA CYS B 527 42.06 -27.30 5.62
C CYS B 527 41.07 -26.86 4.54
N ASP B 528 40.25 -27.78 4.07
CA ASP B 528 39.33 -27.42 3.02
C ASP B 528 37.85 -27.67 3.32
N ILE B 529 37.57 -28.40 4.40
CA ILE B 529 36.19 -28.72 4.78
C ILE B 529 35.28 -29.01 3.60
N TYR B 530 35.79 -28.94 2.38
CA TYR B 530 34.99 -29.23 1.22
C TYR B 530 34.57 -30.70 1.33
N GLY B 531 33.31 -30.96 1.02
CA GLY B 531 32.81 -32.32 1.09
C GLY B 531 32.69 -32.87 2.49
N SER B 532 32.82 -32.03 3.51
CA SER B 532 32.71 -32.47 4.90
C SER B 532 31.27 -32.46 5.41
N ALA B 533 30.76 -33.63 5.79
CA ALA B 533 29.39 -33.78 6.27
C ALA B 533 29.17 -33.29 7.70
N ARG B 534 30.13 -33.58 8.58
CA ARG B 534 30.06 -33.18 9.99
C ARG B 534 30.12 -31.66 10.06
N ALA B 535 30.75 -31.06 9.07
CA ALA B 535 30.88 -29.61 8.99
C ALA B 535 29.51 -29.03 8.66
N GLY B 536 28.96 -29.45 7.52
CA GLY B 536 27.65 -28.94 7.15
C GLY B 536 26.63 -29.24 8.23
N ALA B 537 26.86 -30.33 8.97
CA ALA B 537 25.95 -30.74 10.05
C ALA B 537 25.92 -29.66 11.11
N ALA B 538 27.11 -29.26 11.55
CA ALA B 538 27.22 -28.22 12.55
C ALA B 538 26.56 -26.96 11.96
N PHE B 539 26.87 -26.69 10.69
CA PHE B 539 26.31 -25.56 9.99
C PHE B 539 24.78 -25.63 9.86
N HIS B 540 24.23 -26.84 10.01
CA HIS B 540 22.77 -26.95 9.90
C HIS B 540 22.08 -26.70 11.25
N ASN B 541 22.68 -27.17 12.34
CA ASN B 541 22.09 -26.97 13.66
C ASN B 541 22.04 -25.48 13.96
N MET B 542 23.03 -24.75 13.47
CA MET B 542 23.12 -23.33 13.72
C MET B 542 22.26 -22.48 12.80
N LEU B 543 22.32 -22.75 11.51
CA LEU B 543 21.55 -21.97 10.52
C LEU B 543 20.03 -22.11 10.66
N SER B 544 19.57 -23.34 10.83
CA SER B 544 18.16 -23.64 10.94
C SER B 544 17.43 -22.89 12.05
N MET B 545 18.17 -22.47 13.08
CA MET B 545 17.55 -21.77 14.20
C MET B 545 17.02 -20.39 13.90
N GLY B 546 17.69 -19.69 12.99
CA GLY B 546 17.34 -18.33 12.60
C GLY B 546 16.66 -17.40 13.61
N ALA B 547 17.44 -16.67 14.37
CA ALA B 547 16.87 -15.72 15.33
C ALA B 547 15.93 -16.27 16.40
N SER B 548 15.60 -17.55 16.32
CA SER B 548 14.71 -18.12 17.32
C SER B 548 15.28 -18.05 18.74
N LYS B 549 16.57 -17.77 18.84
CA LYS B 549 17.23 -17.72 20.14
C LYS B 549 18.38 -16.73 20.09
N PRO B 550 18.73 -16.13 21.24
CA PRO B 550 19.85 -15.19 21.18
C PRO B 550 21.03 -15.93 20.59
N TRP B 551 21.98 -15.18 19.99
CA TRP B 551 23.12 -15.80 19.33
C TRP B 551 24.03 -16.73 20.13
N PRO B 552 24.16 -16.50 21.46
CA PRO B 552 25.03 -17.41 22.22
C PRO B 552 24.55 -18.85 22.07
N ASP B 553 23.24 -18.99 21.86
CA ASP B 553 22.60 -20.29 21.67
C ASP B 553 22.82 -20.84 20.25
N ALA B 554 22.90 -19.94 19.26
CA ALA B 554 23.09 -20.40 17.89
C ALA B 554 24.49 -20.97 17.76
N LEU B 555 25.47 -20.25 18.31
CA LEU B 555 26.85 -20.67 18.25
C LEU B 555 27.03 -21.98 18.99
N GLU B 556 26.46 -22.06 20.19
CA GLU B 556 26.59 -23.26 21.01
C GLU B 556 26.06 -24.49 20.29
N ALA B 557 25.18 -24.27 19.32
CA ALA B 557 24.60 -25.35 18.52
C ALA B 557 25.62 -25.73 17.46
N PHE B 558 26.56 -24.82 17.21
CA PHE B 558 27.61 -25.07 16.23
C PHE B 558 28.75 -25.88 16.86
N ASN B 559 29.34 -25.38 17.95
CA ASN B 559 30.44 -26.09 18.60
C ASN B 559 30.46 -26.21 20.14
N GLY B 560 29.34 -26.00 20.82
CA GLY B 560 29.36 -26.13 22.26
C GLY B 560 29.84 -24.90 23.02
N GLU B 561 30.35 -23.90 22.31
CA GLU B 561 30.83 -22.67 22.94
C GLU B 561 29.73 -21.59 22.93
N ARG B 562 29.86 -20.59 23.78
CA ARG B 562 28.85 -19.54 23.80
C ARG B 562 29.44 -18.14 23.89
N ILE B 563 30.73 -18.01 23.57
CA ILE B 563 31.40 -16.71 23.62
C ILE B 563 32.16 -16.35 22.35
N MET B 564 32.20 -15.06 22.07
CA MET B 564 32.88 -14.49 20.91
C MET B 564 34.28 -14.18 21.38
N SER B 565 35.29 -14.59 20.61
CA SER B 565 36.66 -14.34 21.02
C SER B 565 37.67 -14.19 19.89
N GLY B 566 38.86 -13.71 20.25
CA GLY B 566 39.92 -13.52 19.28
C GLY B 566 40.75 -14.78 19.10
N LYS B 567 40.38 -15.84 19.80
CA LYS B 567 41.10 -17.11 19.69
C LYS B 567 40.69 -17.81 18.41
N ALA B 568 41.14 -17.29 17.28
CA ALA B 568 40.81 -17.87 15.98
C ALA B 568 41.63 -17.22 14.86
N ILE B 569 41.64 -15.89 14.83
CA ILE B 569 42.38 -15.13 13.84
C ILE B 569 43.86 -15.21 14.20
N ALA B 570 44.14 -14.84 15.44
CA ALA B 570 45.51 -14.83 15.97
C ALA B 570 46.17 -16.20 15.84
N GLU B 571 45.45 -17.25 16.20
CA GLU B 571 45.98 -18.62 16.11
C GLU B 571 46.22 -18.97 14.64
N TYR B 572 45.40 -18.40 13.78
CA TYR B 572 45.46 -18.62 12.35
C TYR B 572 46.64 -17.88 11.70
N PHE B 573 46.90 -16.67 12.19
CA PHE B 573 47.95 -15.80 11.67
C PHE B 573 49.19 -15.79 12.55
N GLU B 574 49.28 -16.73 13.47
CA GLU B 574 50.42 -16.78 14.37
C GLU B 574 51.74 -16.88 13.60
N PRO B 575 51.85 -17.82 12.64
CA PRO B 575 53.09 -17.92 11.88
C PRO B 575 53.41 -16.66 11.10
N LEU B 576 52.42 -15.86 10.74
CA LEU B 576 52.72 -14.63 10.02
C LEU B 576 53.30 -13.61 11.02
N ARG B 577 52.55 -13.36 12.09
CA ARG B 577 52.96 -12.40 13.10
C ARG B 577 54.42 -12.59 13.53
N VAL B 578 54.85 -13.83 13.72
CA VAL B 578 56.23 -14.09 14.12
C VAL B 578 57.17 -13.79 12.97
N TRP B 579 56.80 -14.16 11.74
CA TRP B 579 57.67 -13.91 10.58
C TRP B 579 57.93 -12.41 10.40
N LEU B 580 56.94 -11.59 10.72
CA LEU B 580 57.06 -10.14 10.57
C LEU B 580 58.00 -9.44 11.56
N GLU B 581 57.77 -9.64 12.85
CA GLU B 581 58.61 -9.02 13.88
C GLU B 581 60.07 -9.11 13.50
N ALA B 582 60.48 -10.30 13.09
CA ALA B 582 61.86 -10.53 12.68
C ALA B 582 62.14 -9.69 11.44
N GLU B 583 61.37 -9.92 10.38
CA GLU B 583 61.53 -9.17 9.14
C GLU B 583 61.55 -7.65 9.32
N ASN B 584 60.72 -7.12 10.22
CA ASN B 584 60.67 -5.67 10.43
C ASN B 584 61.92 -5.11 11.09
N ILE B 585 62.62 -5.96 11.85
CA ILE B 585 63.86 -5.57 12.52
C ILE B 585 65.01 -5.68 11.51
N LYS B 586 64.92 -6.69 10.66
CA LYS B 586 65.90 -6.96 9.62
C LYS B 586 65.97 -5.84 8.58
N ASN B 587 64.82 -5.23 8.28
CA ASN B 587 64.77 -4.15 7.30
C ASN B 587 64.72 -2.83 7.99
N ASN B 588 64.69 -2.87 9.32
CA ASN B 588 64.66 -1.63 10.07
C ASN B 588 63.37 -0.91 9.64
N VAL B 589 62.24 -1.53 9.90
CA VAL B 589 60.94 -0.97 9.54
C VAL B 589 60.27 -0.20 10.67
N HIS B 590 59.82 1.00 10.35
CA HIS B 590 59.16 1.88 11.32
C HIS B 590 57.75 1.40 11.67
N ILE B 591 57.45 1.30 12.96
CA ILE B 591 56.14 0.87 13.42
C ILE B 591 55.43 2.04 14.10
N GLY B 592 54.14 2.18 13.83
CA GLY B 592 53.37 3.26 14.44
C GLY B 592 53.44 4.44 13.52
N TRP B 593 52.60 5.45 13.77
CA TRP B 593 52.59 6.61 12.90
C TRP B 593 52.17 7.87 13.64
N ILE B 594 52.58 9.03 13.13
CA ILE B 594 52.24 10.33 13.72
C ILE B 594 50.91 10.84 13.15
N THR B 595 50.17 11.60 13.93
CA THR B 595 48.88 12.08 13.47
C THR B 595 48.95 12.72 12.09
N SER B 596 47.81 12.73 11.42
CA SER B 596 47.67 13.26 10.06
C SER B 596 47.42 14.77 9.96
N ASN B 597 47.84 15.32 8.82
CA ASN B 597 47.70 16.74 8.52
C ASN B 597 46.83 16.92 7.27
N LYS B 598 45.93 15.97 7.01
CA LYS B 598 45.05 16.03 5.84
C LYS B 598 43.64 16.57 6.07
N CYS B 599 43.27 16.83 7.32
CA CYS B 599 41.97 17.40 7.63
C CYS B 599 42.19 18.84 8.10
N VAL B 600 41.70 19.81 7.33
CA VAL B 600 41.87 21.20 7.72
C VAL B 600 40.63 21.99 7.33
N SER B 601 40.88 23.11 6.64
CA SER B 601 39.85 24.01 6.12
C SER B 601 40.42 25.08 5.16
N SER B 602 39.89 25.09 3.94
CA SER B 602 40.25 26.02 2.89
C SER B 602 41.71 26.06 2.41
N HIS B 603 42.14 27.28 2.07
CA HIS B 603 43.46 27.63 1.58
C HIS B 603 43.69 27.56 0.08
N HIS B 604 43.72 28.75 -0.52
CA HIS B 604 43.87 28.90 -1.95
C HIS B 604 44.96 29.89 -2.31
N HIS B 605 45.42 29.78 -3.55
CA HIS B 605 46.45 30.66 -4.07
C HIS B 605 45.92 31.54 -5.20
N HIS B 606 44.65 31.95 -5.15
CA HIS B 606 44.11 32.84 -6.19
C HIS B 606 43.88 34.25 -5.60
N HIS B 607 44.82 35.14 -5.89
CA HIS B 607 44.84 36.54 -5.42
C HIS B 607 44.74 37.51 -6.62
#